data_5ZMQ
#
_entry.id   5ZMQ
#
_cell.length_a   60.150
_cell.length_b   60.330
_cell.length_c   214.070
_cell.angle_alpha   90.00
_cell.angle_beta   90.00
_cell.angle_gamma   90.00
#
_symmetry.space_group_name_H-M   'P 21 21 21'
#
loop_
_entity.id
_entity.type
_entity.pdbx_description
1 polymer 'Serine protease subunit NS2B'
2 polymer 'Serine protease NS3'
3 polymer 'peptide PAC-DLY-DLY-DAR'
4 water water
#
loop_
_entity_poly.entity_id
_entity_poly.type
_entity_poly.pdbx_seq_one_letter_code
_entity_poly.pdbx_strand_id
1 'polypeptide(L)' MTGKSVDMYIERAGDITWEKDAEVTGNSPRLDVALDESGDFSLVEEDGPPMRE A,C,E,G
2 'polypeptide(L)'
;GSGALWDVPAPKEVKKGETTDGVYRVMTRRLLGSTQVGVGVMQEGVFHTMWHVTKGAALRSGEGRLDPYWGDVKQDLVSY
CGPWKLDAAWDGLSEVQLLAVPPGERAKNIQTLPGIFKTKDGDIGAVALDYPAGTSGSPILDKSGRVIGLYGNGVVIKNG
SYVSAITQGKREEETPVE
;
B,D,F,H
3 'polypeptide(D)' (PAC)(DLY)(DLY)(DAR) I,K
#
# COMPACT_ATOMS: atom_id res chain seq x y z
N ASP A 7 -21.19 8.81 -14.06
CA ASP A 7 -20.24 7.90 -13.45
C ASP A 7 -20.62 6.45 -13.72
N MET A 8 -19.65 5.55 -13.59
CA MET A 8 -19.89 4.13 -13.85
C MET A 8 -19.97 3.35 -12.54
N TYR A 9 -21.05 2.58 -12.41
CA TYR A 9 -21.28 1.80 -11.19
C TYR A 9 -21.77 0.39 -11.53
N ILE A 10 -21.68 -0.51 -10.57
CA ILE A 10 -22.08 -1.90 -10.82
C ILE A 10 -23.23 -2.34 -9.92
N GLU A 11 -24.03 -3.26 -10.44
CA GLU A 11 -25.17 -3.82 -9.71
C GLU A 11 -25.21 -5.34 -9.90
N ARG A 12 -25.40 -6.07 -8.80
CA ARG A 12 -25.42 -7.52 -8.87
C ARG A 12 -26.64 -8.02 -9.66
N ALA A 13 -26.41 -8.98 -10.55
CA ALA A 13 -27.45 -9.45 -11.44
C ALA A 13 -27.76 -10.94 -11.25
N GLY A 14 -27.00 -11.61 -10.39
CA GLY A 14 -27.28 -12.99 -10.08
C GLY A 14 -26.06 -13.83 -9.73
N ASP A 15 -26.29 -15.10 -9.42
CA ASP A 15 -25.21 -16.04 -9.13
C ASP A 15 -24.55 -16.51 -10.41
N ILE A 16 -23.33 -17.02 -10.27
CA ILE A 16 -22.64 -17.69 -11.37
C ILE A 16 -23.04 -19.17 -11.33
N THR A 17 -24.05 -19.53 -12.11
CA THR A 17 -24.62 -20.87 -12.02
C THR A 17 -25.03 -21.44 -13.37
N TRP A 18 -24.69 -22.70 -13.58
CA TRP A 18 -25.18 -23.48 -14.72
C TRP A 18 -26.64 -23.86 -14.46
N GLU A 19 -27.52 -23.56 -15.40
CA GLU A 19 -28.93 -23.91 -15.23
C GLU A 19 -29.30 -25.09 -16.13
N LYS A 20 -30.15 -25.97 -15.61
CA LYS A 20 -30.58 -27.16 -16.34
C LYS A 20 -31.67 -26.81 -17.33
N ASP A 21 -32.44 -25.77 -17.03
CA ASP A 21 -33.52 -25.33 -17.89
C ASP A 21 -33.05 -24.30 -18.91
N ALA A 22 -31.83 -24.49 -19.42
CA ALA A 22 -31.22 -23.53 -20.33
C ALA A 22 -31.73 -23.67 -21.76
N GLU A 23 -32.11 -22.56 -22.37
CA GLU A 23 -32.35 -22.50 -23.80
C GLU A 23 -31.06 -22.82 -24.54
N VAL A 24 -31.16 -23.58 -25.62
CA VAL A 24 -29.98 -23.98 -26.37
C VAL A 24 -30.05 -23.50 -27.82
N THR A 25 -29.09 -22.69 -28.23
CA THR A 25 -29.07 -22.11 -29.57
C THR A 25 -27.66 -21.82 -30.05
N GLY A 26 -27.50 -21.63 -31.35
CA GLY A 26 -26.21 -21.25 -31.92
C GLY A 26 -25.45 -22.39 -32.55
N ASN A 27 -24.72 -22.09 -33.63
CA ASN A 27 -23.91 -23.10 -34.30
C ASN A 27 -22.46 -23.07 -33.82
N SER A 28 -21.60 -23.85 -34.46
CA SER A 28 -20.22 -23.98 -34.01
C SER A 28 -19.23 -23.78 -35.16
N PRO A 29 -19.08 -22.52 -35.62
CA PRO A 29 -18.23 -22.23 -36.77
C PRO A 29 -16.74 -22.32 -36.45
N ARG A 30 -15.96 -22.80 -37.41
CA ARG A 30 -14.51 -22.83 -37.29
C ARG A 30 -13.90 -21.80 -38.24
N LEU A 31 -13.33 -20.75 -37.66
CA LEU A 31 -12.85 -19.61 -38.43
C LEU A 31 -11.35 -19.40 -38.28
N ASP A 32 -10.69 -19.04 -39.38
CA ASP A 32 -9.30 -18.60 -39.33
C ASP A 32 -9.27 -17.11 -39.02
N VAL A 33 -8.78 -16.76 -37.83
CA VAL A 33 -8.76 -15.37 -37.41
C VAL A 33 -7.37 -14.92 -36.99
N ALA A 34 -7.15 -13.61 -37.00
CA ALA A 34 -5.91 -13.02 -36.51
C ALA A 34 -6.21 -11.98 -35.45
N LEU A 35 -5.36 -11.92 -34.43
CA LEU A 35 -5.51 -10.96 -33.35
C LEU A 35 -4.40 -9.90 -33.43
N ASP A 36 -4.76 -8.65 -33.64
CA ASP A 36 -3.75 -7.61 -33.73
C ASP A 36 -3.51 -6.93 -32.37
N GLU A 37 -2.56 -6.01 -32.36
CA GLU A 37 -2.10 -5.35 -31.14
C GLU A 37 -3.22 -4.65 -30.37
N SER A 38 -4.24 -4.18 -31.09
CA SER A 38 -5.33 -3.43 -30.47
C SER A 38 -6.40 -4.35 -29.87
N GLY A 39 -6.17 -5.65 -29.92
CA GLY A 39 -7.12 -6.62 -29.38
C GLY A 39 -8.26 -6.94 -30.32
N ASP A 40 -8.12 -6.52 -31.58
CA ASP A 40 -9.17 -6.75 -32.57
C ASP A 40 -8.94 -8.04 -33.33
N PHE A 41 -9.99 -8.85 -33.44
CA PHE A 41 -9.96 -10.06 -34.26
C PHE A 41 -10.32 -9.73 -35.70
N SER A 42 -9.75 -10.46 -36.64
CA SER A 42 -10.07 -10.27 -38.05
C SER A 42 -10.03 -11.59 -38.79
N LEU A 43 -10.91 -11.76 -39.77
CA LEU A 43 -10.99 -12.99 -40.54
C LEU A 43 -9.75 -13.18 -41.42
N VAL A 44 -9.23 -14.40 -41.44
CA VAL A 44 -8.06 -14.74 -42.24
C VAL A 44 -8.41 -15.70 -43.38
N GLY B 17 -17.93 -1.87 -2.40
CA GLY B 17 -19.02 -2.09 -1.48
C GLY B 17 -19.53 -3.52 -1.51
N GLU B 18 -20.24 -3.89 -2.58
CA GLU B 18 -20.79 -5.23 -2.71
C GLU B 18 -19.68 -6.22 -3.02
N THR B 19 -19.29 -7.00 -2.02
CA THR B 19 -18.16 -7.92 -2.13
C THR B 19 -18.57 -9.25 -2.77
N THR B 20 -19.87 -9.52 -2.74
CA THR B 20 -20.41 -10.85 -3.07
C THR B 20 -20.04 -11.35 -4.46
N ASP B 21 -19.64 -12.62 -4.53
CA ASP B 21 -19.42 -13.28 -5.80
C ASP B 21 -20.69 -13.27 -6.63
N GLY B 22 -20.54 -13.35 -7.95
CA GLY B 22 -21.69 -13.37 -8.83
C GLY B 22 -21.49 -12.51 -10.06
N VAL B 23 -22.54 -12.41 -10.87
CA VAL B 23 -22.48 -11.61 -12.10
C VAL B 23 -23.08 -10.23 -11.84
N TYR B 24 -22.47 -9.21 -12.43
CA TYR B 24 -22.87 -7.82 -12.19
C TYR B 24 -23.13 -7.07 -13.49
N ARG B 25 -24.13 -6.20 -13.46
CA ARG B 25 -24.30 -5.22 -14.53
C ARG B 25 -23.37 -4.05 -14.26
N VAL B 26 -22.70 -3.55 -15.28
CA VAL B 26 -21.98 -2.31 -15.13
C VAL B 26 -22.79 -1.22 -15.82
N MET B 27 -23.06 -0.14 -15.10
CA MET B 27 -23.97 0.89 -15.57
C MET B 27 -23.27 2.22 -15.67
N THR B 28 -23.83 3.14 -16.45
CA THR B 28 -23.28 4.48 -16.57
C THR B 28 -24.38 5.52 -16.49
N ARG B 29 -24.02 6.73 -16.10
CA ARG B 29 -24.98 7.82 -15.95
C ARG B 29 -24.61 8.99 -16.85
N ARG B 30 -25.56 9.43 -17.67
CA ARG B 30 -25.34 10.54 -18.57
C ARG B 30 -25.49 11.88 -17.85
N GLY B 33 -29.90 10.25 -17.89
CA GLY B 33 -30.41 8.90 -17.80
C GLY B 33 -29.34 7.89 -17.41
N SER B 34 -29.69 6.61 -17.49
CA SER B 34 -28.76 5.55 -17.15
C SER B 34 -28.72 4.49 -18.24
N THR B 35 -27.54 3.91 -18.45
CA THR B 35 -27.33 2.94 -19.52
C THR B 35 -26.45 1.78 -19.05
N GLN B 36 -26.75 0.57 -19.52
CA GLN B 36 -25.89 -0.58 -19.26
C GLN B 36 -24.89 -0.73 -20.41
N VAL B 37 -23.60 -0.55 -20.09
CA VAL B 37 -22.56 -0.61 -21.11
C VAL B 37 -21.86 -1.96 -21.15
N GLY B 38 -22.05 -2.76 -20.10
CA GLY B 38 -21.43 -4.07 -20.07
C GLY B 38 -21.78 -4.90 -18.85
N VAL B 39 -21.06 -6.00 -18.67
CA VAL B 39 -21.32 -6.96 -17.60
C VAL B 39 -19.97 -7.43 -17.03
N GLY B 40 -19.95 -7.85 -15.78
CA GLY B 40 -18.71 -8.31 -15.17
C GLY B 40 -18.89 -9.44 -14.17
N VAL B 41 -17.76 -9.98 -13.71
CA VAL B 41 -17.78 -11.08 -12.75
C VAL B 41 -16.99 -10.72 -11.48
N MET B 42 -17.65 -10.83 -10.34
CA MET B 42 -16.98 -10.68 -9.06
C MET B 42 -16.60 -12.06 -8.53
N GLN B 43 -15.31 -12.27 -8.31
CA GLN B 43 -14.84 -13.54 -7.76
C GLN B 43 -13.62 -13.33 -6.89
N GLU B 44 -13.71 -13.78 -5.64
CA GLU B 44 -12.63 -13.62 -4.65
C GLU B 44 -12.21 -12.16 -4.50
N GLY B 45 -13.19 -11.28 -4.39
CA GLY B 45 -12.95 -9.87 -4.13
C GLY B 45 -12.46 -9.07 -5.33
N VAL B 46 -12.45 -9.70 -6.50
CA VAL B 46 -11.97 -9.05 -7.71
C VAL B 46 -13.07 -8.97 -8.76
N PHE B 47 -13.26 -7.79 -9.34
CA PHE B 47 -14.26 -7.62 -10.38
C PHE B 47 -13.63 -7.72 -11.76
N HIS B 48 -14.03 -8.74 -12.52
CA HIS B 48 -13.49 -8.98 -13.85
C HIS B 48 -14.47 -8.54 -14.93
N THR B 49 -13.99 -7.74 -15.86
CA THR B 49 -14.79 -7.38 -17.03
C THR B 49 -13.87 -7.22 -18.24
N MET B 50 -14.44 -6.86 -19.38
CA MET B 50 -13.64 -6.63 -20.58
C MET B 50 -13.21 -5.16 -20.66
N TRP B 51 -12.01 -4.94 -21.19
CA TRP B 51 -11.42 -3.61 -21.22
C TRP B 51 -12.28 -2.60 -21.98
N HIS B 52 -12.77 -2.98 -23.15
CA HIS B 52 -13.52 -2.05 -24.00
C HIS B 52 -14.82 -1.60 -23.37
N VAL B 53 -15.24 -2.27 -22.30
CA VAL B 53 -16.43 -1.89 -21.56
C VAL B 53 -16.15 -0.67 -20.67
N THR B 54 -15.09 -0.75 -19.88
CA THR B 54 -14.77 0.31 -18.93
C THR B 54 -13.61 1.18 -19.39
N LYS B 55 -12.71 0.60 -20.17
CA LYS B 55 -11.52 1.29 -20.68
C LYS B 55 -10.63 1.78 -19.54
N GLY B 56 -10.63 1.04 -18.44
CA GLY B 56 -9.77 1.35 -17.32
C GLY B 56 -10.35 2.36 -16.35
N ALA B 57 -11.62 2.69 -16.53
CA ALA B 57 -12.28 3.65 -15.63
C ALA B 57 -12.61 2.99 -14.31
N ALA B 58 -12.47 3.74 -13.22
CA ALA B 58 -12.83 3.24 -11.90
C ALA B 58 -14.33 3.03 -11.82
N LEU B 59 -14.75 2.10 -10.95
CA LEU B 59 -16.16 1.79 -10.81
C LEU B 59 -16.66 2.13 -9.41
N ARG B 60 -17.97 2.37 -9.31
CA ARG B 60 -18.62 2.58 -8.03
C ARG B 60 -19.40 1.34 -7.64
N SER B 61 -19.17 0.84 -6.43
CA SER B 61 -19.92 -0.29 -5.91
C SER B 61 -20.73 0.17 -4.71
N GLY B 62 -21.85 0.84 -4.97
CA GLY B 62 -22.63 1.44 -3.91
C GLY B 62 -21.91 2.63 -3.33
N GLU B 63 -21.44 2.50 -2.08
CA GLU B 63 -20.70 3.57 -1.44
C GLU B 63 -19.24 3.57 -1.83
N GLY B 64 -18.63 2.39 -1.81
CA GLY B 64 -17.21 2.25 -2.08
C GLY B 64 -16.82 2.45 -3.53
N ARG B 65 -15.54 2.30 -3.82
CA ARG B 65 -15.04 2.45 -5.18
C ARG B 65 -14.11 1.31 -5.55
N LEU B 66 -14.22 0.84 -6.78
CA LEU B 66 -13.33 -0.20 -7.30
C LEU B 66 -12.26 0.42 -8.18
N ASP B 67 -11.01 0.39 -7.72
CA ASP B 67 -9.92 0.94 -8.50
C ASP B 67 -9.33 -0.12 -9.43
N PRO B 68 -8.98 0.28 -10.66
CA PRO B 68 -8.38 -0.65 -11.61
C PRO B 68 -7.08 -1.23 -11.07
N TYR B 69 -6.87 -2.54 -11.31
CA TYR B 69 -5.68 -3.20 -10.80
C TYR B 69 -4.81 -3.71 -11.94
N TRP B 70 -5.43 -4.39 -12.90
CA TRP B 70 -4.70 -4.90 -14.06
C TRP B 70 -5.54 -4.77 -15.32
N GLY B 71 -4.88 -4.53 -16.45
CA GLY B 71 -5.56 -4.40 -17.72
C GLY B 71 -4.66 -4.71 -18.89
N ASP B 72 -5.26 -5.14 -20.00
CA ASP B 72 -4.52 -5.43 -21.22
C ASP B 72 -5.45 -5.28 -22.42
N VAL B 73 -5.14 -4.34 -23.30
CA VAL B 73 -5.99 -4.05 -24.44
C VAL B 73 -6.03 -5.20 -25.44
N LYS B 74 -4.92 -5.89 -25.63
CA LYS B 74 -4.87 -7.01 -26.57
C LYS B 74 -5.76 -8.16 -26.10
N GLN B 75 -5.73 -8.45 -24.80
CA GLN B 75 -6.61 -9.47 -24.25
C GLN B 75 -8.02 -8.91 -24.07
N ASP B 76 -8.13 -7.59 -24.13
CA ASP B 76 -9.39 -6.89 -23.89
C ASP B 76 -9.95 -7.28 -22.53
N LEU B 77 -9.08 -7.27 -21.52
CA LEU B 77 -9.49 -7.63 -20.17
C LEU B 77 -9.01 -6.61 -19.16
N VAL B 78 -9.72 -6.56 -18.04
CA VAL B 78 -9.37 -5.64 -16.95
C VAL B 78 -9.98 -6.16 -15.65
N SER B 79 -9.21 -6.07 -14.57
CA SER B 79 -9.69 -6.49 -13.26
C SER B 79 -9.59 -5.35 -12.26
N TYR B 80 -10.38 -5.45 -11.19
CA TYR B 80 -10.42 -4.40 -10.17
C TYR B 80 -10.14 -4.98 -8.79
N CYS B 81 -9.51 -4.17 -7.94
CA CYS B 81 -9.23 -4.50 -6.53
C CYS B 81 -8.24 -5.64 -6.35
N GLY B 82 -7.81 -6.27 -7.44
CA GLY B 82 -6.88 -7.39 -7.35
C GLY B 82 -6.59 -8.01 -8.70
N PRO B 83 -5.69 -8.99 -8.72
CA PRO B 83 -5.27 -9.66 -9.95
C PRO B 83 -6.37 -10.53 -10.56
N TRP B 84 -6.20 -10.91 -11.82
CA TRP B 84 -7.17 -11.75 -12.52
C TRP B 84 -7.29 -13.12 -11.86
N LYS B 85 -8.51 -13.49 -11.49
CA LYS B 85 -8.75 -14.68 -10.68
C LYS B 85 -9.33 -15.85 -11.48
N LEU B 86 -9.83 -15.58 -12.67
CA LEU B 86 -10.49 -16.62 -13.48
C LEU B 86 -9.47 -17.37 -14.33
N ASP B 87 -9.36 -18.68 -14.12
CA ASP B 87 -8.34 -19.47 -14.81
C ASP B 87 -8.89 -20.74 -15.48
N ALA B 88 -10.19 -21.02 -15.31
CA ALA B 88 -10.78 -22.19 -15.94
C ALA B 88 -10.84 -22.02 -17.45
N ALA B 89 -10.76 -23.14 -18.18
CA ALA B 89 -10.75 -23.08 -19.63
C ALA B 89 -11.66 -24.14 -20.24
N TRP B 90 -12.15 -23.86 -21.44
CA TRP B 90 -13.00 -24.79 -22.19
C TRP B 90 -12.22 -26.05 -22.54
N ASP B 91 -12.87 -27.22 -22.44
CA ASP B 91 -12.20 -28.49 -22.68
C ASP B 91 -12.15 -28.84 -24.17
N GLY B 92 -12.67 -27.95 -25.00
CA GLY B 92 -12.63 -28.15 -26.44
C GLY B 92 -13.61 -29.18 -26.97
N LEU B 93 -14.54 -29.60 -26.13
CA LEU B 93 -15.51 -30.63 -26.54
C LEU B 93 -16.92 -30.37 -26.04
N SER B 94 -17.06 -30.08 -24.75
CA SER B 94 -18.37 -29.96 -24.14
C SER B 94 -19.05 -28.65 -24.48
N GLU B 95 -20.38 -28.65 -24.38
CA GLU B 95 -21.16 -27.42 -24.56
C GLU B 95 -20.96 -26.50 -23.37
N VAL B 96 -21.11 -25.20 -23.61
CA VAL B 96 -20.97 -24.21 -22.56
C VAL B 96 -22.27 -23.45 -22.38
N GLN B 97 -22.30 -22.56 -21.39
CA GLN B 97 -23.47 -21.72 -21.17
C GLN B 97 -23.08 -20.27 -21.02
N LEU B 98 -23.61 -19.43 -21.92
CA LEU B 98 -23.46 -18.00 -21.78
C LEU B 98 -24.44 -17.49 -20.74
N LEU B 99 -23.92 -17.04 -19.60
CA LEU B 99 -24.75 -16.39 -18.60
C LEU B 99 -24.94 -14.95 -19.02
N ALA B 100 -25.73 -14.74 -20.08
CA ALA B 100 -25.95 -13.41 -20.61
C ALA B 100 -26.78 -12.58 -19.64
N VAL B 101 -26.33 -11.36 -19.39
CA VAL B 101 -27.10 -10.41 -18.61
C VAL B 101 -27.43 -9.22 -19.50
N PRO B 102 -28.46 -9.36 -20.35
CA PRO B 102 -28.83 -8.29 -21.28
C PRO B 102 -29.39 -7.08 -20.55
N PRO B 103 -29.16 -5.87 -21.10
CA PRO B 103 -29.72 -4.64 -20.54
C PRO B 103 -31.21 -4.74 -20.35
N GLY B 104 -31.70 -4.51 -19.13
CA GLY B 104 -33.13 -4.53 -18.85
C GLY B 104 -33.74 -5.91 -18.82
N GLU B 105 -32.90 -6.95 -18.82
CA GLU B 105 -33.38 -8.32 -18.78
C GLU B 105 -32.74 -9.12 -17.65
N ARG B 106 -33.49 -10.06 -17.10
CA ARG B 106 -32.99 -10.93 -16.05
C ARG B 106 -31.85 -11.79 -16.57
N ALA B 107 -30.88 -12.06 -15.70
CA ALA B 107 -29.77 -12.96 -16.04
C ALA B 107 -30.30 -14.30 -16.51
N LYS B 108 -29.78 -14.74 -17.65
CA LYS B 108 -30.26 -15.96 -18.29
C LYS B 108 -29.13 -16.79 -18.85
N ASN B 109 -29.28 -18.10 -18.77
CA ASN B 109 -28.27 -19.03 -19.26
C ASN B 109 -28.59 -19.58 -20.64
N ILE B 110 -27.73 -19.28 -21.61
CA ILE B 110 -27.90 -19.79 -22.96
C ILE B 110 -26.84 -20.84 -23.25
N GLN B 111 -27.28 -22.07 -23.48
CA GLN B 111 -26.38 -23.18 -23.74
C GLN B 111 -26.03 -23.26 -25.22
N THR B 112 -24.78 -23.59 -25.51
CA THR B 112 -24.32 -23.69 -26.89
C THR B 112 -23.06 -24.52 -26.99
N LEU B 113 -22.83 -25.09 -28.15
CA LEU B 113 -21.56 -25.75 -28.44
C LEU B 113 -20.63 -24.76 -29.13
N PRO B 114 -19.53 -24.40 -28.46
CA PRO B 114 -18.60 -23.37 -28.96
C PRO B 114 -17.99 -23.72 -30.31
N GLY B 115 -17.83 -22.69 -31.15
CA GLY B 115 -17.05 -22.83 -32.36
C GLY B 115 -15.58 -22.67 -32.02
N ILE B 116 -14.76 -22.47 -33.02
CA ILE B 116 -13.31 -22.36 -32.80
C ILE B 116 -12.69 -21.22 -33.59
N PHE B 117 -11.98 -20.34 -32.87
CA PHE B 117 -11.12 -19.35 -33.50
C PHE B 117 -9.74 -19.96 -33.74
N LYS B 118 -9.37 -20.13 -35.00
CA LYS B 118 -8.07 -20.70 -35.34
C LYS B 118 -7.04 -19.60 -35.60
N THR B 119 -6.19 -19.35 -34.61
CA THR B 119 -5.14 -18.34 -34.73
C THR B 119 -3.78 -18.99 -34.96
N LYS B 120 -2.78 -18.17 -35.27
CA LYS B 120 -1.43 -18.67 -35.45
C LYS B 120 -0.81 -19.07 -34.12
N ASP B 121 -1.45 -18.68 -33.02
CA ASP B 121 -0.95 -18.99 -31.68
C ASP B 121 -1.82 -20.03 -30.99
N GLY B 122 -2.67 -20.70 -31.77
CA GLY B 122 -3.51 -21.75 -31.22
C GLY B 122 -4.99 -21.47 -31.41
N ASP B 123 -5.82 -22.44 -31.01
CA ASP B 123 -7.26 -22.34 -31.16
C ASP B 123 -7.92 -21.70 -29.94
N ILE B 124 -8.90 -20.85 -30.19
CA ILE B 124 -9.68 -20.23 -29.12
C ILE B 124 -11.15 -20.62 -29.25
N GLY B 125 -11.77 -20.97 -28.13
CA GLY B 125 -13.18 -21.25 -28.10
C GLY B 125 -13.98 -20.02 -28.50
N ALA B 126 -15.04 -20.22 -29.27
CA ALA B 126 -15.85 -19.11 -29.75
C ALA B 126 -17.33 -19.48 -29.78
N VAL B 127 -18.17 -18.63 -29.21
CA VAL B 127 -19.61 -18.89 -29.18
C VAL B 127 -20.35 -18.02 -30.19
N ALA B 128 -21.21 -18.64 -31.00
CA ALA B 128 -21.92 -17.94 -32.06
C ALA B 128 -23.22 -17.34 -31.57
N LEU B 129 -23.13 -16.49 -30.56
CA LEU B 129 -24.29 -15.81 -29.98
C LEU B 129 -24.18 -14.31 -30.18
N ASP B 130 -25.32 -13.66 -30.42
CA ASP B 130 -25.32 -12.23 -30.74
C ASP B 130 -26.32 -11.45 -29.89
N TYR B 131 -25.88 -11.03 -28.71
CA TYR B 131 -26.71 -10.25 -27.80
C TYR B 131 -26.23 -8.80 -27.79
N PRO B 132 -27.09 -7.86 -27.34
CA PRO B 132 -26.75 -6.43 -27.41
C PRO B 132 -25.42 -6.07 -26.75
N ALA B 133 -24.88 -4.92 -27.13
CA ALA B 133 -23.54 -4.50 -26.70
C ALA B 133 -23.40 -4.46 -25.18
N GLY B 134 -24.49 -4.20 -24.48
CA GLY B 134 -24.46 -4.11 -23.04
C GLY B 134 -24.25 -5.44 -22.35
N THR B 135 -24.22 -6.51 -23.13
CA THR B 135 -24.01 -7.85 -22.57
C THR B 135 -22.53 -8.20 -22.55
N SER B 136 -21.69 -7.28 -23.04
CA SER B 136 -20.25 -7.50 -23.09
C SER B 136 -19.68 -7.71 -21.69
N GLY B 137 -18.90 -8.77 -21.53
CA GLY B 137 -18.32 -9.11 -20.24
C GLY B 137 -19.09 -10.18 -19.51
N SER B 138 -20.20 -10.62 -20.09
CA SER B 138 -21.00 -11.70 -19.52
C SER B 138 -20.18 -12.98 -19.51
N PRO B 139 -20.17 -13.69 -18.37
CA PRO B 139 -19.35 -14.89 -18.21
C PRO B 139 -19.83 -16.08 -19.02
N ILE B 140 -18.89 -16.85 -19.55
CA ILE B 140 -19.18 -18.13 -20.18
C ILE B 140 -18.76 -19.24 -19.22
N LEU B 141 -19.68 -20.16 -18.96
CA LEU B 141 -19.47 -21.16 -17.91
C LEU B 141 -19.34 -22.58 -18.47
N ASP B 142 -18.58 -23.42 -17.78
CA ASP B 142 -18.54 -24.84 -18.10
C ASP B 142 -19.58 -25.56 -17.24
N LYS B 143 -19.69 -26.87 -17.41
CA LYS B 143 -20.70 -27.65 -16.71
C LYS B 143 -20.52 -27.65 -15.20
N SER B 144 -19.33 -27.28 -14.73
CA SER B 144 -19.04 -27.20 -13.31
C SER B 144 -19.47 -25.86 -12.72
N GLY B 145 -19.85 -24.92 -13.60
CA GLY B 145 -20.24 -23.60 -13.17
C GLY B 145 -19.07 -22.65 -13.06
N ARG B 146 -17.91 -23.09 -13.52
CA ARG B 146 -16.70 -22.26 -13.48
C ARG B 146 -16.65 -21.35 -14.70
N VAL B 147 -16.15 -20.13 -14.52
CA VAL B 147 -16.05 -19.17 -15.61
C VAL B 147 -14.83 -19.48 -16.47
N ILE B 148 -15.07 -19.81 -17.74
CA ILE B 148 -14.00 -20.15 -18.66
C ILE B 148 -13.67 -19.00 -19.61
N GLY B 149 -14.39 -17.89 -19.48
CA GLY B 149 -14.13 -16.74 -20.32
C GLY B 149 -15.23 -15.70 -20.27
N LEU B 150 -14.96 -14.53 -20.86
CA LEU B 150 -15.95 -13.47 -20.93
C LEU B 150 -16.40 -13.24 -22.38
N TYR B 151 -17.61 -12.73 -22.53
CA TYR B 151 -18.24 -12.55 -23.83
C TYR B 151 -18.19 -11.09 -24.28
N GLY B 152 -17.91 -10.86 -25.55
CA GLY B 152 -17.96 -9.52 -26.09
C GLY B 152 -16.84 -9.09 -27.02
N ASN B 153 -15.96 -10.02 -27.38
CA ASN B 153 -14.88 -9.71 -28.31
C ASN B 153 -14.73 -10.80 -29.37
N GLY B 154 -14.90 -10.44 -30.64
CA GLY B 154 -14.82 -11.41 -31.72
C GLY B 154 -14.88 -10.83 -33.11
N VAL B 155 -15.57 -11.52 -34.02
CA VAL B 155 -15.65 -11.12 -35.42
C VAL B 155 -17.08 -11.13 -35.97
N VAL B 156 -17.19 -10.83 -37.25
CA VAL B 156 -18.48 -10.82 -37.95
C VAL B 156 -18.35 -11.53 -39.30
N ILE B 157 -19.23 -12.50 -39.52
CA ILE B 157 -19.25 -13.26 -40.78
C ILE B 157 -20.55 -12.98 -41.52
N LYS B 158 -20.47 -12.90 -42.85
CA LYS B 158 -21.65 -12.70 -43.69
C LYS B 158 -22.38 -11.39 -43.39
N ASN B 159 -23.56 -11.48 -42.81
CA ASN B 159 -24.40 -10.30 -42.57
C ASN B 159 -24.96 -10.23 -41.15
N GLY B 160 -24.27 -9.53 -40.28
CA GLY B 160 -24.72 -9.33 -38.91
C GLY B 160 -24.45 -10.50 -37.99
N SER B 161 -23.82 -11.55 -38.52
CA SER B 161 -23.56 -12.75 -37.74
C SER B 161 -22.31 -12.59 -36.88
N TYR B 162 -22.50 -12.12 -35.65
CA TYR B 162 -21.39 -11.92 -34.73
C TYR B 162 -21.01 -13.21 -34.02
N VAL B 163 -19.71 -13.47 -33.93
CA VAL B 163 -19.20 -14.60 -33.17
C VAL B 163 -18.15 -14.10 -32.17
N SER B 164 -18.40 -14.36 -30.90
CA SER B 164 -17.51 -13.90 -29.84
C SER B 164 -16.54 -14.99 -29.41
N ALA B 165 -15.29 -14.59 -29.19
CA ALA B 165 -14.31 -15.50 -28.62
C ALA B 165 -14.64 -15.74 -27.16
N ILE B 166 -14.16 -16.86 -26.62
CA ILE B 166 -14.22 -17.09 -25.19
C ILE B 166 -12.95 -16.53 -24.57
N THR B 167 -13.02 -15.27 -24.15
CA THR B 167 -11.84 -14.54 -23.70
C THR B 167 -11.53 -14.81 -22.22
N GLN B 168 -10.37 -15.43 -21.97
CA GLN B 168 -9.95 -15.72 -20.61
C GLN B 168 -8.56 -15.14 -20.35
N GLY B 169 -8.32 -14.72 -19.10
CA GLY B 169 -7.02 -14.20 -18.72
C GLY B 169 -6.16 -15.26 -18.07
N LYS B 170 -5.24 -14.82 -17.21
CA LYS B 170 -4.34 -15.73 -16.51
C LYS B 170 -4.22 -15.32 -15.04
N ARG B 171 -4.33 -16.30 -14.15
CA ARG B 171 -4.19 -16.05 -12.72
C ARG B 171 -2.76 -15.69 -12.34
N MET C 8 -4.51 15.17 -16.85
CA MET C 8 -3.07 14.96 -16.88
C MET C 8 -2.53 15.05 -18.31
N TYR C 9 -1.34 15.64 -18.44
CA TYR C 9 -0.68 15.77 -19.75
C TYR C 9 0.83 15.58 -19.61
N ILE C 10 1.50 15.39 -20.74
CA ILE C 10 2.93 15.18 -20.73
C ILE C 10 3.66 16.24 -21.56
N GLU C 11 4.94 16.46 -21.23
CA GLU C 11 5.79 17.37 -21.98
C GLU C 11 7.23 16.86 -22.00
N ARG C 12 7.91 17.09 -23.10
CA ARG C 12 9.26 16.55 -23.32
C ARG C 12 10.27 17.08 -22.29
N ALA C 13 11.20 16.22 -21.89
CA ALA C 13 12.21 16.58 -20.91
C ALA C 13 13.62 16.35 -21.42
N GLY C 14 13.75 15.75 -22.61
CA GLY C 14 15.05 15.57 -23.23
C GLY C 14 15.29 14.21 -23.83
N ASP C 15 16.51 13.99 -24.31
CA ASP C 15 16.91 12.70 -24.87
C ASP C 15 17.31 11.73 -23.76
N ILE C 16 17.39 10.45 -24.12
CA ILE C 16 17.80 9.42 -23.19
C ILE C 16 19.14 8.83 -23.59
N THR C 17 20.21 9.30 -22.97
CA THR C 17 21.55 8.82 -23.28
C THR C 17 22.38 8.63 -22.03
N TRP C 18 23.31 7.68 -22.08
CA TRP C 18 24.29 7.49 -21.02
C TRP C 18 25.29 8.64 -21.06
N GLU C 19 25.51 9.27 -19.90
CA GLU C 19 26.45 10.39 -19.82
C GLU C 19 27.84 9.91 -19.41
N LYS C 20 28.81 10.06 -20.31
CA LYS C 20 30.16 9.60 -20.08
C LYS C 20 30.86 10.38 -18.96
N ASP C 21 30.33 11.56 -18.64
CA ASP C 21 30.94 12.43 -17.64
C ASP C 21 30.12 12.51 -16.34
N ALA C 22 29.26 11.53 -16.11
CA ALA C 22 28.37 11.56 -14.96
C ALA C 22 29.10 11.29 -13.65
N GLU C 23 28.66 11.94 -12.59
CA GLU C 23 29.22 11.73 -11.26
C GLU C 23 28.68 10.44 -10.64
N VAL C 24 29.54 9.71 -9.95
CA VAL C 24 29.15 8.47 -9.30
C VAL C 24 28.86 8.70 -7.82
N THR C 25 27.66 8.35 -7.38
CA THR C 25 27.27 8.58 -5.99
C THR C 25 26.33 7.49 -5.47
N GLY C 26 26.07 7.53 -4.17
CA GLY C 26 25.19 6.57 -3.53
C GLY C 26 25.87 5.24 -3.24
N ASN C 27 25.40 4.56 -2.20
CA ASN C 27 25.94 3.25 -1.87
C ASN C 27 25.15 2.14 -2.54
N SER C 28 25.47 0.89 -2.22
CA SER C 28 24.78 -0.26 -2.80
C SER C 28 24.16 -1.12 -1.71
N PRO C 29 23.14 -0.60 -1.02
CA PRO C 29 22.59 -1.25 0.17
C PRO C 29 21.89 -2.57 -0.13
N ARG C 30 22.04 -3.55 0.76
CA ARG C 30 21.35 -4.81 0.65
C ARG C 30 20.21 -4.87 1.66
N LEU C 31 18.98 -4.75 1.17
CA LEU C 31 17.81 -4.66 2.03
C LEU C 31 16.83 -5.80 1.80
N ASP C 32 16.45 -6.48 2.88
CA ASP C 32 15.38 -7.47 2.82
C ASP C 32 14.04 -6.76 2.78
N VAL C 33 13.32 -6.92 1.67
CA VAL C 33 12.03 -6.25 1.51
C VAL C 33 10.95 -7.23 1.09
N ALA C 34 9.69 -6.80 1.24
CA ALA C 34 8.55 -7.59 0.81
C ALA C 34 7.60 -6.72 0.00
N LEU C 35 7.06 -7.29 -1.08
CA LEU C 35 6.14 -6.57 -1.94
C LEU C 35 4.73 -7.14 -1.79
N ASP C 36 3.77 -6.31 -1.42
CA ASP C 36 2.40 -6.79 -1.28
C ASP C 36 1.60 -6.58 -2.56
N GLU C 37 0.31 -6.91 -2.50
CA GLU C 37 -0.55 -6.89 -3.67
C GLU C 37 -0.74 -5.47 -4.23
N SER C 38 -0.57 -4.47 -3.39
CA SER C 38 -0.78 -3.08 -3.79
C SER C 38 0.45 -2.44 -4.43
N GLY C 39 1.48 -3.24 -4.66
CA GLY C 39 2.70 -2.74 -5.26
C GLY C 39 3.49 -1.85 -4.32
N ASP C 40 3.42 -2.14 -3.03
CA ASP C 40 4.16 -1.37 -2.03
C ASP C 40 5.29 -2.20 -1.42
N PHE C 41 6.49 -1.62 -1.41
CA PHE C 41 7.64 -2.27 -0.78
C PHE C 41 7.71 -1.92 0.70
N SER C 42 8.01 -2.91 1.53
CA SER C 42 8.16 -2.70 2.97
C SER C 42 9.39 -3.44 3.49
N LEU C 43 10.10 -2.80 4.42
CA LEU C 43 11.30 -3.39 4.99
C LEU C 43 10.97 -4.56 5.91
N VAL C 44 11.76 -5.62 5.82
CA VAL C 44 11.58 -6.79 6.67
C VAL C 44 12.44 -6.68 7.91
N VAL D 14 11.50 13.29 -43.38
CA VAL D 14 11.41 12.04 -42.61
C VAL D 14 9.96 11.62 -42.43
N LYS D 15 9.07 12.61 -42.24
CA LYS D 15 7.64 12.41 -42.01
C LYS D 15 7.26 11.05 -41.43
N LYS D 16 6.80 10.12 -42.26
CA LYS D 16 6.28 8.84 -41.78
C LYS D 16 7.30 7.97 -41.03
N GLY D 17 6.98 7.66 -39.76
CA GLY D 17 7.81 6.80 -38.94
C GLY D 17 8.61 7.59 -37.92
N GLU D 18 8.60 8.90 -38.07
CA GLU D 18 9.35 9.80 -37.20
C GLU D 18 8.60 10.09 -35.90
N THR D 19 8.63 9.12 -34.98
CA THR D 19 8.02 9.28 -33.67
C THR D 19 8.87 10.21 -32.81
N THR D 20 8.38 10.48 -31.59
CA THR D 20 9.04 11.43 -30.71
C THR D 20 9.50 10.79 -29.41
N ASP D 21 10.54 9.96 -29.50
CA ASP D 21 11.07 9.27 -28.33
C ASP D 21 11.72 10.24 -27.34
N GLY D 22 12.04 9.73 -26.15
CA GLY D 22 12.71 10.54 -25.15
C GLY D 22 12.01 10.49 -23.80
N VAL D 23 12.46 11.34 -22.90
CA VAL D 23 11.92 11.42 -21.54
C VAL D 23 10.89 12.54 -21.45
N TYR D 24 9.78 12.26 -20.76
CA TYR D 24 8.70 13.23 -20.62
C TYR D 24 8.32 13.46 -19.16
N ARG D 25 7.94 14.69 -18.85
CA ARG D 25 7.38 15.01 -17.53
C ARG D 25 5.87 14.78 -17.57
N VAL D 26 5.34 14.14 -16.53
CA VAL D 26 3.90 13.92 -16.44
C VAL D 26 3.30 15.00 -15.55
N MET D 27 2.51 15.88 -16.17
CA MET D 27 1.99 17.05 -15.48
C MET D 27 0.48 16.96 -15.24
N THR D 28 0.00 17.77 -14.29
CA THR D 28 -1.43 17.88 -14.03
C THR D 28 -1.93 19.28 -14.38
N GLY D 33 -1.84 25.13 -10.10
CA GLY D 33 -2.66 24.72 -11.22
C GLY D 33 -2.07 23.53 -11.96
N SER D 34 -0.78 23.62 -12.27
CA SER D 34 -0.08 22.56 -12.97
C SER D 34 1.04 22.00 -12.11
N THR D 35 1.03 20.68 -11.90
CA THR D 35 2.00 20.04 -11.02
C THR D 35 2.64 18.83 -11.70
N GLN D 36 3.96 18.74 -11.66
CA GLN D 36 4.63 17.54 -12.12
C GLN D 36 4.44 16.43 -11.09
N VAL D 37 3.73 15.38 -11.50
CA VAL D 37 3.44 14.28 -10.60
C VAL D 37 4.26 13.04 -10.95
N GLY D 38 4.95 13.09 -12.09
CA GLY D 38 5.76 11.96 -12.51
C GLY D 38 6.56 12.18 -13.77
N VAL D 39 7.23 11.12 -14.19
CA VAL D 39 8.10 11.14 -15.37
C VAL D 39 7.83 9.86 -16.18
N GLY D 40 8.13 9.87 -17.47
CA GLY D 40 7.91 8.70 -18.30
C GLY D 40 8.85 8.50 -19.46
N VAL D 41 8.75 7.34 -20.09
CA VAL D 41 9.59 7.01 -21.24
C VAL D 41 8.76 6.81 -22.49
N MET D 42 8.98 7.67 -23.48
CA MET D 42 8.38 7.48 -24.80
C MET D 42 9.35 6.71 -25.68
N GLN D 43 8.98 5.48 -26.04
CA GLN D 43 9.85 4.65 -26.87
C GLN D 43 9.03 3.73 -27.75
N GLU D 44 9.30 3.77 -29.05
CA GLU D 44 8.60 2.96 -30.05
C GLU D 44 7.10 3.21 -30.05
N GLY D 45 6.72 4.47 -29.82
CA GLY D 45 5.32 4.86 -29.84
C GLY D 45 4.56 4.50 -28.59
N VAL D 46 5.27 4.04 -27.57
CA VAL D 46 4.64 3.68 -26.30
C VAL D 46 5.18 4.54 -25.17
N PHE D 47 4.27 5.12 -24.39
CA PHE D 47 4.67 5.90 -23.22
C PHE D 47 4.66 5.03 -21.97
N HIS D 48 5.83 4.83 -21.39
CA HIS D 48 5.97 4.04 -20.17
C HIS D 48 6.06 4.95 -18.96
N THR D 49 5.41 4.55 -17.88
CA THR D 49 5.56 5.23 -16.60
C THR D 49 5.11 4.30 -15.48
N MET D 50 5.21 4.77 -14.25
CA MET D 50 4.80 3.97 -13.10
C MET D 50 3.31 4.18 -12.83
N TRP D 51 2.64 3.12 -12.38
CA TRP D 51 1.18 3.15 -12.26
C TRP D 51 0.69 4.18 -11.24
N HIS D 52 1.36 4.28 -10.10
CA HIS D 52 0.91 5.18 -9.04
C HIS D 52 0.94 6.65 -9.48
N VAL D 53 1.68 6.94 -10.54
CA VAL D 53 1.77 8.29 -11.08
C VAL D 53 0.46 8.70 -11.75
N THR D 54 -0.02 7.85 -12.65
CA THR D 54 -1.22 8.15 -13.42
C THR D 54 -2.46 7.42 -12.92
N LYS D 55 -2.26 6.23 -12.36
CA LYS D 55 -3.35 5.37 -11.89
C LYS D 55 -4.27 4.97 -13.04
N GLY D 56 -3.71 4.86 -14.24
CA GLY D 56 -4.47 4.43 -15.39
C GLY D 56 -5.28 5.54 -16.05
N ALA D 57 -5.02 6.78 -15.67
CA ALA D 57 -5.71 7.91 -16.29
C ALA D 57 -5.13 8.18 -17.67
N ALA D 58 -5.97 8.66 -18.58
CA ALA D 58 -5.53 8.99 -19.93
C ALA D 58 -4.72 10.27 -19.93
N LEU D 59 -3.74 10.34 -20.83
CA LEU D 59 -2.83 11.48 -20.87
C LEU D 59 -3.02 12.32 -22.12
N ARG D 60 -2.82 13.62 -21.98
CA ARG D 60 -2.85 14.54 -23.11
C ARG D 60 -1.45 14.77 -23.64
N SER D 61 -1.25 14.50 -24.92
CA SER D 61 0.04 14.73 -25.57
C SER D 61 -0.15 15.69 -26.74
N GLY D 62 0.04 16.98 -26.48
CA GLY D 62 -0.27 17.99 -27.47
C GLY D 62 -1.77 18.11 -27.64
N GLU D 63 -2.25 17.93 -28.86
CA GLU D 63 -3.68 17.93 -29.12
C GLU D 63 -4.21 16.50 -29.21
N GLY D 64 -3.42 15.55 -28.72
CA GLY D 64 -3.77 14.15 -28.79
C GLY D 64 -4.02 13.52 -27.43
N ARG D 65 -4.83 12.47 -27.42
CA ARG D 65 -5.13 11.73 -26.19
C ARG D 65 -4.33 10.44 -26.17
N LEU D 66 -3.65 10.19 -25.05
CA LEU D 66 -2.92 8.93 -24.87
C LEU D 66 -3.75 7.98 -24.02
N ASP D 67 -3.99 6.78 -24.54
CA ASP D 67 -4.85 5.83 -23.86
C ASP D 67 -4.06 4.69 -23.22
N PRO D 68 -4.44 4.31 -22.00
CA PRO D 68 -3.80 3.17 -21.32
C PRO D 68 -3.98 1.89 -22.12
N TYR D 69 -2.90 1.12 -22.22
CA TYR D 69 -2.92 -0.13 -22.96
C TYR D 69 -2.79 -1.31 -22.00
N TRP D 70 -1.75 -1.27 -21.18
CA TRP D 70 -1.49 -2.28 -20.18
C TRP D 70 -1.13 -1.62 -18.85
N GLY D 71 -1.43 -2.29 -17.75
CA GLY D 71 -1.11 -1.77 -16.44
C GLY D 71 -1.15 -2.83 -15.36
N ASP D 72 -0.27 -2.71 -14.38
CA ASP D 72 -0.22 -3.66 -13.28
C ASP D 72 0.15 -2.94 -11.98
N VAL D 73 -0.75 -2.97 -11.02
CA VAL D 73 -0.56 -2.28 -9.75
C VAL D 73 0.58 -2.87 -8.93
N LYS D 74 0.67 -4.20 -8.89
CA LYS D 74 1.72 -4.86 -8.12
C LYS D 74 3.10 -4.51 -8.67
N GLN D 75 3.22 -4.48 -9.99
CA GLN D 75 4.45 -4.03 -10.64
C GLN D 75 4.57 -2.52 -10.59
N ASP D 76 3.44 -1.86 -10.36
CA ASP D 76 3.35 -0.40 -10.37
C ASP D 76 3.86 0.14 -11.71
N LEU D 77 3.36 -0.45 -12.79
CA LEU D 77 3.72 -0.03 -14.13
C LEU D 77 2.50 0.14 -15.02
N VAL D 78 2.61 1.01 -16.01
CA VAL D 78 1.52 1.24 -16.96
C VAL D 78 2.10 1.76 -18.27
N SER D 79 1.58 1.28 -19.39
CA SER D 79 2.01 1.73 -20.70
C SER D 79 0.86 2.35 -21.47
N TYR D 80 1.18 3.25 -22.39
CA TYR D 80 0.19 3.94 -23.20
C TYR D 80 0.45 3.75 -24.68
N CYS D 81 -0.64 3.67 -25.45
CA CYS D 81 -0.60 3.54 -26.91
C CYS D 81 -0.06 2.20 -27.39
N GLY D 82 0.33 1.34 -26.47
CA GLY D 82 0.87 0.04 -26.86
C GLY D 82 1.45 -0.74 -25.72
N PRO D 83 1.99 -1.93 -26.02
CA PRO D 83 2.57 -2.81 -25.00
C PRO D 83 3.88 -2.28 -24.44
N TRP D 84 4.26 -2.79 -23.27
CA TRP D 84 5.54 -2.44 -22.66
C TRP D 84 6.68 -2.86 -23.60
N LYS D 85 7.56 -1.91 -23.91
CA LYS D 85 8.61 -2.13 -24.90
C LYS D 85 10.00 -2.29 -24.26
N LEU D 86 10.15 -1.80 -23.03
CA LEU D 86 11.44 -1.86 -22.35
C LEU D 86 11.71 -3.26 -21.79
N ASP D 87 12.75 -3.91 -22.30
CA ASP D 87 13.05 -5.29 -21.90
C ASP D 87 14.46 -5.47 -21.37
N ALA D 88 15.26 -4.41 -21.41
CA ALA D 88 16.63 -4.47 -20.90
C ALA D 88 16.61 -4.65 -19.38
N ALA D 89 17.59 -5.41 -18.87
CA ALA D 89 17.67 -5.69 -17.44
C ALA D 89 19.06 -5.43 -16.91
N TRP D 90 19.14 -5.13 -15.62
CA TRP D 90 20.43 -4.97 -14.94
C TRP D 90 21.17 -6.30 -14.91
N ASP D 91 22.46 -6.29 -15.25
CA ASP D 91 23.24 -7.52 -15.26
C ASP D 91 23.64 -7.95 -13.85
N GLY D 92 23.37 -7.10 -12.88
CA GLY D 92 23.62 -7.41 -11.48
C GLY D 92 25.02 -7.14 -10.98
N LEU D 93 25.87 -6.57 -11.83
CA LEU D 93 27.26 -6.32 -11.46
C LEU D 93 27.78 -4.98 -11.98
N SER D 94 27.09 -4.41 -12.96
CA SER D 94 27.55 -3.16 -13.58
C SER D 94 26.91 -1.94 -12.93
N GLU D 95 27.55 -0.79 -13.09
CA GLU D 95 27.00 0.48 -12.64
C GLU D 95 25.95 0.99 -13.62
N VAL D 96 25.00 1.74 -13.11
CA VAL D 96 23.92 2.27 -13.93
C VAL D 96 23.86 3.79 -13.81
N GLN D 97 23.00 4.40 -14.61
CA GLN D 97 22.76 5.83 -14.52
C GLN D 97 21.28 6.14 -14.41
N LEU D 98 20.93 6.99 -13.47
CA LEU D 98 19.57 7.48 -13.35
C LEU D 98 19.41 8.82 -14.06
N LEU D 99 18.62 8.82 -15.13
CA LEU D 99 18.29 10.07 -15.81
C LEU D 99 17.17 10.75 -15.04
N ALA D 100 17.53 11.35 -13.91
CA ALA D 100 16.55 11.95 -13.01
C ALA D 100 15.96 13.23 -13.59
N VAL D 101 14.63 13.29 -13.60
CA VAL D 101 13.94 14.49 -14.07
C VAL D 101 13.05 15.03 -12.95
N PRO D 102 13.65 15.80 -12.03
CA PRO D 102 12.94 16.34 -10.87
C PRO D 102 12.06 17.53 -11.23
N PRO D 103 10.99 17.76 -10.46
CA PRO D 103 10.09 18.90 -10.69
C PRO D 103 10.80 20.24 -10.66
N GLY D 104 10.74 20.97 -11.77
CA GLY D 104 11.34 22.29 -11.86
C GLY D 104 12.82 22.26 -12.15
N GLU D 105 13.33 21.10 -12.55
CA GLU D 105 14.75 20.95 -12.81
C GLU D 105 15.01 20.21 -14.11
N ARG D 106 16.17 20.47 -14.71
CA ARG D 106 16.54 19.83 -15.97
C ARG D 106 16.90 18.36 -15.75
N ALA D 107 16.86 17.59 -16.83
CA ALA D 107 17.22 16.18 -16.77
C ALA D 107 18.72 16.01 -16.57
N LYS D 108 19.08 15.23 -15.56
CA LYS D 108 20.49 15.04 -15.20
C LYS D 108 20.79 13.55 -15.01
N ASN D 109 21.94 13.11 -15.53
CA ASN D 109 22.38 11.73 -15.36
C ASN D 109 23.14 11.55 -14.06
N ILE D 110 22.85 10.47 -13.34
CA ILE D 110 23.53 10.17 -12.08
C ILE D 110 23.95 8.70 -12.05
N GLN D 111 25.25 8.47 -11.99
CA GLN D 111 25.78 7.11 -12.00
C GLN D 111 25.83 6.52 -10.60
N THR D 112 25.57 5.23 -10.50
CA THR D 112 25.59 4.53 -9.21
C THR D 112 25.67 3.03 -9.41
N LEU D 113 26.21 2.34 -8.42
CA LEU D 113 26.16 0.89 -8.40
C LEU D 113 24.97 0.44 -7.56
N PRO D 114 23.96 -0.15 -8.21
CA PRO D 114 22.73 -0.55 -7.54
C PRO D 114 22.95 -1.52 -6.39
N GLY D 115 22.11 -1.41 -5.37
CA GLY D 115 22.07 -2.39 -4.31
C GLY D 115 21.15 -3.52 -4.70
N ILE D 116 20.61 -4.23 -3.72
CA ILE D 116 19.72 -5.34 -4.01
C ILE D 116 18.54 -5.42 -3.05
N PHE D 117 17.34 -5.40 -3.62
CA PHE D 117 16.12 -5.69 -2.87
C PHE D 117 15.91 -7.20 -2.82
N LYS D 118 16.38 -7.83 -1.76
CA LYS D 118 16.22 -9.28 -1.61
C LYS D 118 14.81 -9.61 -1.16
N THR D 119 14.02 -10.17 -2.08
CA THR D 119 12.63 -10.50 -1.81
C THR D 119 12.45 -12.00 -1.62
N LYS D 120 11.21 -12.42 -1.45
CA LYS D 120 10.89 -13.83 -1.31
C LYS D 120 10.98 -14.55 -2.66
N ASP D 121 10.93 -13.78 -3.74
CA ASP D 121 10.92 -14.34 -5.08
C ASP D 121 12.18 -13.99 -5.87
N GLY D 122 13.26 -13.69 -5.16
CA GLY D 122 14.52 -13.35 -5.81
C GLY D 122 14.97 -11.92 -5.55
N ASP D 123 16.09 -11.55 -6.15
CA ASP D 123 16.66 -10.22 -5.95
C ASP D 123 16.20 -9.23 -7.01
N ILE D 124 16.04 -7.97 -6.58
CA ILE D 124 15.71 -6.89 -7.48
C ILE D 124 16.70 -5.75 -7.28
N GLY D 125 17.25 -5.24 -8.39
CA GLY D 125 18.17 -4.12 -8.34
C GLY D 125 17.54 -2.92 -7.65
N ALA D 126 18.35 -2.18 -6.89
CA ALA D 126 17.85 -1.03 -6.15
C ALA D 126 18.89 0.08 -6.09
N VAL D 127 18.48 1.29 -6.41
CA VAL D 127 19.39 2.44 -6.44
C VAL D 127 19.23 3.33 -5.21
N ALA D 128 20.36 3.68 -4.60
CA ALA D 128 20.36 4.54 -3.42
C ALA D 128 20.44 6.01 -3.83
N LEU D 129 19.41 6.48 -4.51
CA LEU D 129 19.34 7.86 -4.96
C LEU D 129 18.04 8.51 -4.46
N ASP D 130 18.16 9.71 -3.91
CA ASP D 130 17.03 10.38 -3.28
C ASP D 130 16.55 11.58 -4.09
N TYR D 131 15.35 11.46 -4.64
CA TYR D 131 14.76 12.53 -5.43
C TYR D 131 13.30 12.78 -5.05
N PRO D 132 12.85 14.04 -5.13
CA PRO D 132 11.54 14.46 -4.64
C PRO D 132 10.39 13.72 -5.30
N ALA D 133 9.21 13.81 -4.70
CA ALA D 133 8.00 13.27 -5.31
C ALA D 133 7.72 13.99 -6.62
N GLY D 134 7.47 13.22 -7.67
CA GLY D 134 7.28 13.78 -8.99
C GLY D 134 8.40 13.35 -9.92
N THR D 135 9.39 12.67 -9.35
CA THR D 135 10.53 12.17 -10.12
C THR D 135 10.28 10.73 -10.59
N SER D 136 9.27 10.09 -10.00
CA SER D 136 8.95 8.71 -10.31
C SER D 136 8.70 8.50 -11.80
N GLY D 137 9.23 7.40 -12.33
CA GLY D 137 9.13 7.13 -13.74
C GLY D 137 10.39 7.56 -14.49
N SER D 138 11.33 8.15 -13.77
CA SER D 138 12.62 8.51 -14.35
C SER D 138 13.37 7.23 -14.72
N PRO D 139 13.84 7.14 -15.98
CA PRO D 139 14.46 5.93 -16.49
C PRO D 139 15.83 5.65 -15.90
N ILE D 140 16.12 4.37 -15.67
CA ILE D 140 17.45 3.93 -15.27
C ILE D 140 18.11 3.25 -16.46
N LEU D 141 19.36 3.61 -16.72
CA LEU D 141 20.02 3.17 -17.95
C LEU D 141 21.24 2.28 -17.71
N ASP D 142 21.58 1.48 -18.71
CA ASP D 142 22.85 0.78 -18.71
C ASP D 142 23.79 1.52 -19.65
N LYS D 143 25.03 1.04 -19.75
CA LYS D 143 26.05 1.70 -20.56
C LYS D 143 25.68 1.83 -22.03
N SER D 144 24.72 1.03 -22.48
CA SER D 144 24.30 1.06 -23.88
C SER D 144 23.23 2.12 -24.13
N GLY D 145 22.68 2.67 -23.06
CA GLY D 145 21.63 3.68 -23.18
C GLY D 145 20.25 3.08 -23.07
N ARG D 146 20.18 1.77 -22.89
CA ARG D 146 18.89 1.08 -22.77
C ARG D 146 18.29 1.26 -21.39
N VAL D 147 16.99 1.54 -21.35
CA VAL D 147 16.27 1.68 -20.07
C VAL D 147 16.04 0.32 -19.43
N ILE D 148 16.70 0.07 -18.31
CA ILE D 148 16.60 -1.21 -17.63
C ILE D 148 15.57 -1.17 -16.50
N GLY D 149 14.81 -0.08 -16.42
CA GLY D 149 13.80 0.05 -15.39
C GLY D 149 13.44 1.49 -15.09
N LEU D 150 12.44 1.68 -14.23
CA LEU D 150 12.01 3.00 -13.84
C LEU D 150 12.23 3.25 -12.36
N TYR D 151 12.35 4.52 -12.00
CA TYR D 151 12.66 4.95 -10.64
C TYR D 151 11.40 5.47 -9.96
N GLY D 152 11.29 5.25 -8.65
CA GLY D 152 10.22 5.86 -7.90
C GLY D 152 9.38 4.95 -7.02
N ASN D 153 9.74 3.67 -6.95
CA ASN D 153 9.04 2.75 -6.07
C ASN D 153 10.03 1.94 -5.24
N GLY D 154 10.05 2.20 -3.93
CA GLY D 154 10.97 1.51 -3.05
C GLY D 154 10.70 1.75 -1.58
N VAL D 155 11.76 1.98 -0.82
CA VAL D 155 11.63 2.16 0.63
C VAL D 155 12.40 3.38 1.14
N VAL D 156 11.88 3.99 2.20
CA VAL D 156 12.60 5.04 2.92
C VAL D 156 13.22 4.43 4.17
N ILE D 157 14.55 4.45 4.25
CA ILE D 157 15.24 3.81 5.37
C ILE D 157 15.36 4.75 6.57
N LYS D 158 16.06 4.31 7.61
CA LYS D 158 16.01 4.96 8.91
C LYS D 158 16.64 6.35 8.96
N ASN D 159 17.71 6.58 8.20
CA ASN D 159 18.35 7.89 8.21
C ASN D 159 17.61 8.91 7.35
N GLY D 160 16.44 8.51 6.85
CA GLY D 160 15.60 9.42 6.08
C GLY D 160 15.80 9.34 4.58
N SER D 161 16.86 8.66 4.14
CA SER D 161 17.16 8.57 2.72
C SER D 161 16.27 7.56 2.01
N TYR D 162 16.32 7.57 0.68
CA TYR D 162 15.40 6.80 -0.14
C TYR D 162 16.12 5.78 -1.02
N VAL D 163 15.59 4.56 -1.05
CA VAL D 163 16.10 3.52 -1.93
C VAL D 163 15.01 3.07 -2.89
N SER D 164 15.25 3.25 -4.18
CA SER D 164 14.28 2.89 -5.20
C SER D 164 14.62 1.58 -5.89
N ALA D 165 13.61 0.75 -6.09
CA ALA D 165 13.78 -0.47 -6.88
C ALA D 165 13.94 -0.09 -8.35
N ILE D 166 14.63 -0.95 -9.10
CA ILE D 166 14.72 -0.78 -10.54
C ILE D 166 13.56 -1.54 -11.18
N THR D 167 12.42 -0.87 -11.31
CA THR D 167 11.19 -1.52 -11.77
C THR D 167 11.14 -1.65 -13.28
N GLN D 168 11.18 -2.89 -13.76
CA GLN D 168 11.10 -3.16 -15.20
C GLN D 168 9.94 -4.09 -15.51
N GLY D 169 9.28 -3.86 -16.63
CA GLY D 169 8.17 -4.69 -17.06
C GLY D 169 8.60 -5.85 -17.93
N LYS D 170 7.69 -6.33 -18.76
CA LYS D 170 7.99 -7.45 -19.66
C LYS D 170 7.47 -7.17 -21.07
N ARG D 171 8.36 -7.19 -22.05
CA ARG D 171 8.00 -6.94 -23.43
C ARG D 171 7.33 -8.15 -24.06
N ASP E 7 30.36 33.05 -8.78
CA ASP E 7 29.16 33.88 -8.74
C ASP E 7 28.05 33.20 -7.95
N MET E 8 28.32 32.94 -6.67
CA MET E 8 27.33 32.32 -5.80
C MET E 8 26.35 33.35 -5.28
N TYR E 9 25.10 32.93 -5.07
CA TYR E 9 24.07 33.82 -4.56
C TYR E 9 23.11 33.06 -3.66
N ILE E 10 22.36 33.80 -2.84
CA ILE E 10 21.45 33.18 -1.89
C ILE E 10 19.99 33.55 -2.14
N GLU E 11 19.10 32.61 -1.83
CA GLU E 11 17.66 32.81 -1.96
C GLU E 11 16.98 32.39 -0.65
N ARG E 12 16.08 33.21 -0.15
CA ARG E 12 15.37 32.89 1.09
C ARG E 12 14.41 31.72 0.87
N ALA E 13 14.41 30.78 1.81
CA ALA E 13 13.64 29.55 1.66
C ALA E 13 12.57 29.39 2.75
N GLY E 14 12.57 30.27 3.74
CA GLY E 14 11.54 30.25 4.76
C GLY E 14 12.02 30.67 6.13
N ASP E 15 11.09 30.74 7.08
CA ASP E 15 11.43 31.06 8.46
C ASP E 15 12.05 29.84 9.14
N ILE E 16 12.67 30.08 10.28
CA ILE E 16 13.26 29.01 11.07
C ILE E 16 12.34 28.70 12.26
N THR E 17 11.42 27.77 12.04
CA THR E 17 10.40 27.46 13.04
C THR E 17 10.34 25.97 13.31
N TRP E 18 10.02 25.62 14.56
CA TRP E 18 9.77 24.24 14.94
C TRP E 18 8.41 23.80 14.41
N GLU E 19 8.36 22.64 13.78
CA GLU E 19 7.10 22.14 13.23
C GLU E 19 6.43 21.14 14.18
N LYS E 20 5.15 21.36 14.44
CA LYS E 20 4.40 20.51 15.35
C LYS E 20 4.35 19.06 14.89
N ASP E 21 3.74 18.83 13.73
CA ASP E 21 3.58 17.48 13.20
C ASP E 21 4.68 17.15 12.20
N ALA E 22 5.91 17.02 12.70
CA ALA E 22 7.07 16.78 11.86
C ALA E 22 7.37 15.28 11.76
N GLU E 23 7.82 14.86 10.59
CA GLU E 23 8.27 13.50 10.39
C GLU E 23 9.43 13.18 11.32
N VAL E 24 9.31 12.08 12.06
CA VAL E 24 10.35 11.69 13.01
C VAL E 24 11.07 10.44 12.53
N THR E 25 12.39 10.53 12.39
CA THR E 25 13.20 9.40 11.94
C THR E 25 14.64 9.52 12.44
N GLY E 26 15.44 8.49 12.16
CA GLY E 26 16.84 8.48 12.54
C GLY E 26 17.06 7.96 13.94
N ASN E 27 18.20 7.31 14.16
CA ASN E 27 18.56 6.81 15.49
C ASN E 27 19.51 7.77 16.20
N SER E 28 20.09 7.31 17.31
CA SER E 28 20.99 8.15 18.11
C SER E 28 22.26 7.42 18.47
N PRO E 29 23.17 7.23 17.49
CA PRO E 29 24.41 6.48 17.74
C PRO E 29 25.41 7.26 18.57
N ARG E 30 26.13 6.55 19.43
CA ARG E 30 27.21 7.13 20.21
C ARG E 30 28.55 6.69 19.63
N LEU E 31 29.26 7.63 19.01
CA LEU E 31 30.48 7.30 18.28
C LEU E 31 31.69 8.01 18.86
N ASP E 32 32.82 7.32 18.87
CA ASP E 32 34.09 7.93 19.22
C ASP E 32 34.74 8.49 17.97
N VAL E 33 34.88 9.81 17.90
CA VAL E 33 35.41 10.45 16.71
C VAL E 33 36.63 11.30 16.99
N ALA E 34 37.32 11.68 15.93
CA ALA E 34 38.44 12.61 16.01
C ALA E 34 38.27 13.69 14.96
N LEU E 35 38.64 14.92 15.31
CA LEU E 35 38.53 16.05 14.39
C LEU E 35 39.91 16.62 14.11
N ASP E 36 40.45 16.36 12.91
CA ASP E 36 41.78 16.83 12.59
C ASP E 36 41.77 18.31 12.20
N GLU E 37 42.94 18.82 11.82
CA GLU E 37 43.13 20.23 11.52
C GLU E 37 42.29 20.69 10.33
N SER E 38 41.97 19.77 9.43
CA SER E 38 41.25 20.12 8.21
C SER E 38 39.73 20.12 8.39
N GLY E 39 39.29 19.87 9.62
CA GLY E 39 37.86 19.87 9.92
C GLY E 39 37.16 18.59 9.54
N ASP E 40 37.94 17.54 9.28
CA ASP E 40 37.37 16.26 8.88
C ASP E 40 37.17 15.33 10.08
N PHE E 41 35.95 14.84 10.24
CA PHE E 41 35.63 13.89 11.30
C PHE E 41 36.02 12.47 10.89
N SER E 42 36.65 11.74 11.81
CA SER E 42 37.02 10.35 11.55
C SER E 42 36.76 9.49 12.78
N LEU E 43 36.40 8.22 12.54
CA LEU E 43 36.11 7.29 13.62
C LEU E 43 37.40 6.83 14.32
N VAL E 44 37.31 6.64 15.63
CA VAL E 44 38.44 6.13 16.40
C VAL E 44 37.99 5.01 17.33
N THR F 19 18.69 39.21 3.37
CA THR F 19 17.86 40.40 3.42
C THR F 19 16.89 40.36 4.61
N THR F 20 16.72 39.17 5.17
CA THR F 20 15.78 38.96 6.27
C THR F 20 16.12 37.67 7.01
N ASP F 21 15.91 37.68 8.32
CA ASP F 21 16.06 36.49 9.15
C ASP F 21 15.34 35.28 8.56
N GLY F 22 16.03 34.13 8.57
CA GLY F 22 15.45 32.92 8.04
C GLY F 22 16.46 32.00 7.39
N VAL F 23 15.99 30.96 6.74
CA VAL F 23 16.87 29.98 6.09
C VAL F 23 16.98 30.28 4.59
N TYR F 24 18.20 30.15 4.06
CA TYR F 24 18.47 30.53 2.68
C TYR F 24 19.13 29.39 1.89
N ARG F 25 18.77 29.27 0.61
CA ARG F 25 19.47 28.37 -0.29
C ARG F 25 20.75 29.03 -0.77
N VAL F 26 21.83 28.26 -0.88
CA VAL F 26 23.07 28.77 -1.44
C VAL F 26 23.25 28.22 -2.84
N MET F 27 23.12 29.09 -3.84
CA MET F 27 23.15 28.69 -5.24
C MET F 27 24.44 29.13 -5.91
N THR F 28 24.76 28.48 -7.03
CA THR F 28 25.88 28.89 -7.86
C THR F 28 25.44 29.02 -9.31
N ARG F 29 25.69 30.17 -9.91
CA ARG F 29 25.44 30.36 -11.34
C ARG F 29 26.41 29.52 -12.15
N ARG F 30 25.89 28.73 -13.07
CA ARG F 30 26.75 27.95 -13.95
C ARG F 30 26.51 28.39 -15.39
N LEU F 31 27.23 27.78 -16.33
CA LEU F 31 27.14 28.16 -17.74
C LEU F 31 25.71 28.02 -18.25
N LEU F 32 25.00 27.03 -17.71
CA LEU F 32 23.61 26.81 -18.05
C LEU F 32 22.80 26.57 -16.78
N GLY F 33 22.09 27.59 -16.35
CA GLY F 33 21.27 27.52 -15.15
C GLY F 33 22.07 27.63 -13.87
N SER F 34 21.48 27.18 -12.77
CA SER F 34 22.13 27.22 -11.47
C SER F 34 21.93 25.90 -10.73
N THR F 35 22.83 25.63 -9.79
CA THR F 35 22.72 24.46 -8.93
C THR F 35 22.80 24.90 -7.47
N GLN F 36 22.11 24.18 -6.59
CA GLN F 36 22.19 24.45 -5.16
C GLN F 36 23.32 23.65 -4.52
N VAL F 37 24.28 24.35 -3.93
CA VAL F 37 25.44 23.71 -3.34
C VAL F 37 25.32 23.62 -1.82
N GLY F 38 24.48 24.46 -1.24
CA GLY F 38 24.33 24.46 0.21
C GLY F 38 23.18 25.30 0.73
N VAL F 39 23.11 25.40 2.05
CA VAL F 39 22.04 26.12 2.73
C VAL F 39 22.67 27.00 3.82
N GLY F 40 22.02 28.11 4.15
CA GLY F 40 22.56 28.99 5.17
C GLY F 40 21.50 29.64 6.04
N VAL F 41 21.95 30.29 7.11
CA VAL F 41 21.05 30.94 8.06
C VAL F 41 21.34 32.43 8.20
N MET F 42 20.33 33.25 7.96
CA MET F 42 20.45 34.69 8.20
C MET F 42 19.85 35.02 9.57
N GLN F 43 20.63 35.69 10.41
CA GLN F 43 20.16 36.10 11.72
C GLN F 43 20.92 37.35 12.17
N GLU F 44 20.18 38.36 12.59
CA GLU F 44 20.75 39.63 13.04
C GLU F 44 21.62 40.27 11.97
N GLY F 45 21.27 40.06 10.71
CA GLY F 45 21.98 40.67 9.60
C GLY F 45 23.20 39.90 9.15
N VAL F 46 23.47 38.77 9.80
CA VAL F 46 24.65 37.97 9.49
C VAL F 46 24.25 36.63 8.85
N PHE F 47 24.92 36.27 7.77
CA PHE F 47 24.63 35.01 7.09
C PHE F 47 25.60 33.92 7.53
N HIS F 48 25.04 32.82 8.06
CA HIS F 48 25.85 31.72 8.55
C HIS F 48 25.71 30.49 7.66
N THR F 49 26.84 29.91 7.29
CA THR F 49 26.83 28.65 6.53
C THR F 49 28.11 27.88 6.85
N MET F 50 28.26 26.72 6.23
CA MET F 50 29.44 25.89 6.45
C MET F 50 30.52 26.26 5.44
N TRP F 51 31.77 26.20 5.89
CA TRP F 51 32.90 26.66 5.08
C TRP F 51 33.03 25.86 3.78
N HIS F 52 32.77 24.57 3.83
CA HIS F 52 32.94 23.72 2.65
C HIS F 52 31.88 23.98 1.59
N VAL F 53 30.89 24.82 1.92
CA VAL F 53 29.86 25.18 0.97
C VAL F 53 30.32 26.32 0.07
N THR F 54 30.92 27.34 0.66
CA THR F 54 31.35 28.51 -0.08
C THR F 54 32.86 28.60 -0.25
N LYS F 55 33.59 28.03 0.72
CA LYS F 55 35.05 28.12 0.78
C LYS F 55 35.52 29.56 0.88
N GLY F 56 34.73 30.38 1.55
CA GLY F 56 35.07 31.79 1.76
C GLY F 56 34.82 32.64 0.54
N ALA F 57 34.07 32.11 -0.42
CA ALA F 57 33.73 32.89 -1.61
C ALA F 57 32.68 33.95 -1.28
N ALA F 58 32.77 35.07 -1.97
CA ALA F 58 31.81 36.16 -1.80
C ALA F 58 30.43 35.78 -2.29
N LEU F 59 29.40 36.11 -1.51
CA LEU F 59 28.03 35.84 -1.90
C LEU F 59 27.32 37.11 -2.38
N ARG F 60 26.23 36.91 -3.10
CA ARG F 60 25.42 38.02 -3.59
C ARG F 60 23.96 37.80 -3.22
N SER F 61 23.31 38.84 -2.74
CA SER F 61 21.87 38.78 -2.42
C SER F 61 21.16 39.85 -3.23
N GLY F 62 20.76 39.51 -4.45
CA GLY F 62 20.20 40.49 -5.36
C GLY F 62 21.31 41.36 -5.93
N GLU F 63 21.20 42.67 -5.69
CA GLU F 63 22.22 43.60 -6.16
C GLU F 63 23.23 43.93 -5.07
N GLY F 64 23.06 43.30 -3.90
CA GLY F 64 23.96 43.50 -2.79
C GLY F 64 24.86 42.30 -2.57
N ARG F 65 26.11 42.55 -2.21
CA ARG F 65 27.08 41.49 -2.01
C ARG F 65 27.33 41.22 -0.52
N LEU F 66 27.48 39.93 -0.18
CA LEU F 66 27.85 39.55 1.17
C LEU F 66 29.32 39.12 1.21
N ASP F 67 30.16 39.91 1.85
CA ASP F 67 31.57 39.59 1.93
C ASP F 67 31.86 38.79 3.19
N PRO F 68 32.77 37.82 3.09
CA PRO F 68 33.15 36.99 4.23
C PRO F 68 33.66 37.84 5.40
N TYR F 69 33.29 37.46 6.62
CA TYR F 69 33.68 38.21 7.81
C TYR F 69 34.54 37.35 8.72
N TRP F 70 34.07 36.14 9.02
CA TRP F 70 34.81 35.20 9.83
C TRP F 70 34.72 33.81 9.23
N GLY F 71 35.77 33.02 9.40
CA GLY F 71 35.79 31.67 8.86
C GLY F 71 36.78 30.78 9.58
N ASP F 72 36.47 29.49 9.63
CA ASP F 72 37.35 28.51 10.26
C ASP F 72 37.16 27.15 9.61
N VAL F 73 38.23 26.62 9.03
CA VAL F 73 38.17 25.35 8.32
C VAL F 73 37.97 24.16 9.28
N LYS F 74 38.54 24.26 10.48
CA LYS F 74 38.41 23.18 11.44
C LYS F 74 36.97 23.04 11.93
N GLN F 75 36.36 24.17 12.30
CA GLN F 75 34.95 24.18 12.67
C GLN F 75 34.06 23.95 11.45
N ASP F 76 34.63 24.18 10.27
CA ASP F 76 33.91 24.14 9.00
C ASP F 76 32.73 25.10 9.03
N LEU F 77 33.02 26.34 9.43
CA LEU F 77 32.01 27.38 9.51
C LEU F 77 32.50 28.69 8.91
N VAL F 78 31.57 29.53 8.50
CA VAL F 78 31.88 30.83 7.95
C VAL F 78 30.69 31.77 8.08
N SER F 79 30.93 33.03 8.44
CA SER F 79 29.86 34.00 8.59
C SER F 79 30.10 35.20 7.67
N TYR F 80 29.01 35.79 7.20
CA TYR F 80 29.07 36.93 6.31
C TYR F 80 28.43 38.16 6.93
N CYS F 81 28.96 39.33 6.60
CA CYS F 81 28.45 40.63 7.06
C CYS F 81 28.66 40.88 8.57
N GLY F 82 29.15 39.89 9.29
CA GLY F 82 29.38 40.04 10.72
C GLY F 82 29.83 38.77 11.42
N PRO F 83 30.12 38.87 12.72
CA PRO F 83 30.59 37.72 13.51
C PRO F 83 29.50 36.69 13.71
N TRP F 84 29.89 35.49 14.12
CA TRP F 84 28.94 34.39 14.33
C TRP F 84 27.93 34.75 15.42
N LYS F 85 26.64 34.62 15.10
CA LYS F 85 25.57 35.07 15.97
C LYS F 85 24.86 33.93 16.70
N LEU F 86 24.86 32.74 16.09
CA LEU F 86 24.14 31.61 16.65
C LEU F 86 24.87 31.04 17.86
N ASP F 87 24.23 31.10 19.02
CA ASP F 87 24.88 30.68 20.27
C ASP F 87 24.06 29.67 21.07
N ALA F 88 22.94 29.22 20.53
CA ALA F 88 22.13 28.21 21.19
C ALA F 88 22.78 26.83 21.06
N ALA F 89 22.49 25.96 22.02
CA ALA F 89 23.11 24.64 22.04
C ALA F 89 22.11 23.55 22.43
N TRP F 90 22.38 22.34 21.96
CA TRP F 90 21.57 21.17 22.31
C TRP F 90 21.66 20.92 23.82
N ASP F 91 20.54 20.55 24.44
CA ASP F 91 20.52 20.32 25.87
C ASP F 91 20.98 18.91 26.24
N GLY F 92 21.32 18.11 25.22
CA GLY F 92 21.83 16.77 25.44
C GLY F 92 20.76 15.75 25.83
N LEU F 93 19.52 16.21 25.93
CA LEU F 93 18.42 15.34 26.35
C LEU F 93 17.31 15.25 25.31
N SER F 94 16.92 16.40 24.77
CA SER F 94 15.71 16.50 23.96
C SER F 94 15.92 16.21 22.48
N GLU F 95 14.82 16.02 21.78
CA GLU F 95 14.87 15.84 20.33
C GLU F 95 15.00 17.17 19.62
N VAL F 96 15.64 17.16 18.46
CA VAL F 96 15.82 18.36 17.66
C VAL F 96 15.13 18.20 16.33
N GLN F 97 15.13 19.28 15.54
CA GLN F 97 14.56 19.24 14.20
C GLN F 97 15.52 19.80 13.18
N LEU F 98 15.79 18.99 12.16
CA LEU F 98 16.59 19.43 11.02
C LEU F 98 15.70 20.13 10.00
N LEU F 99 15.86 21.44 9.88
CA LEU F 99 15.13 22.20 8.87
C LEU F 99 15.82 22.02 7.52
N ALA F 100 15.63 20.86 6.92
CA ALA F 100 16.28 20.52 5.67
C ALA F 100 15.71 21.32 4.51
N VAL F 101 16.59 21.96 3.75
CA VAL F 101 16.18 22.68 2.55
C VAL F 101 16.86 22.06 1.34
N PRO F 102 16.26 20.97 0.80
CA PRO F 102 16.83 20.25 -0.34
C PRO F 102 16.66 21.00 -1.65
N PRO F 103 17.51 20.71 -2.64
CA PRO F 103 17.41 21.33 -3.96
C PRO F 103 16.06 21.07 -4.62
N GLY F 104 15.37 22.13 -5.02
CA GLY F 104 14.10 22.00 -5.70
C GLY F 104 12.92 21.65 -4.80
N GLU F 105 13.16 21.59 -3.50
CA GLU F 105 12.10 21.28 -2.55
C GLU F 105 11.94 22.39 -1.52
N ARG F 106 10.74 22.51 -0.96
CA ARG F 106 10.49 23.45 0.12
C ARG F 106 11.15 22.95 1.40
N ALA F 107 11.37 23.86 2.34
CA ALA F 107 11.96 23.50 3.62
C ALA F 107 11.06 22.54 4.38
N LYS F 108 11.63 21.40 4.77
CA LYS F 108 10.89 20.41 5.55
C LYS F 108 11.57 20.20 6.90
N ASN F 109 10.76 19.93 7.92
CA ASN F 109 11.29 19.66 9.26
C ASN F 109 11.36 18.17 9.56
N ILE F 110 12.56 17.69 9.83
CA ILE F 110 12.75 16.29 10.20
C ILE F 110 13.18 16.22 11.67
N GLN F 111 12.30 15.69 12.51
CA GLN F 111 12.60 15.57 13.93
C GLN F 111 13.41 14.31 14.21
N THR F 112 14.33 14.41 15.17
CA THR F 112 15.18 13.29 15.53
C THR F 112 15.79 13.48 16.91
N LEU F 113 16.15 12.39 17.57
CA LEU F 113 16.94 12.48 18.78
C LEU F 113 18.41 12.30 18.45
N PRO F 114 19.22 13.35 18.68
CA PRO F 114 20.64 13.37 18.32
C PRO F 114 21.45 12.27 19.00
N GLY F 115 22.47 11.79 18.31
CA GLY F 115 23.41 10.85 18.89
C GLY F 115 24.55 11.61 19.53
N ILE F 116 25.68 10.93 19.73
CA ILE F 116 26.84 11.56 20.35
C ILE F 116 28.13 11.27 19.60
N PHE F 117 28.83 12.34 19.23
CA PHE F 117 30.22 12.25 18.80
C PHE F 117 31.11 12.46 20.02
N LYS F 118 31.71 11.39 20.52
CA LYS F 118 32.58 11.48 21.68
C LYS F 118 34.01 11.80 21.25
N THR F 119 34.44 13.03 21.51
CA THR F 119 35.76 13.48 21.13
C THR F 119 36.69 13.57 22.33
N LYS F 120 37.97 13.79 22.06
CA LYS F 120 38.94 13.97 23.14
C LYS F 120 38.79 15.35 23.78
N ASP F 121 37.99 16.21 23.14
CA ASP F 121 37.78 17.56 23.64
C ASP F 121 36.34 17.76 24.11
N GLY F 122 35.58 16.68 24.21
CA GLY F 122 34.22 16.75 24.71
C GLY F 122 33.18 16.19 23.75
N ASP F 123 32.01 15.84 24.29
CA ASP F 123 30.93 15.30 23.47
C ASP F 123 30.29 16.38 22.61
N ILE F 124 29.88 15.99 21.41
CA ILE F 124 29.19 16.89 20.49
C ILE F 124 28.06 16.14 19.80
N GLY F 125 26.86 16.72 19.85
CA GLY F 125 25.68 16.11 19.27
C GLY F 125 25.82 15.76 17.81
N ALA F 126 25.13 14.70 17.40
CA ALA F 126 25.18 14.24 16.01
C ALA F 126 23.84 13.65 15.58
N VAL F 127 23.40 14.02 14.38
CA VAL F 127 22.12 13.55 13.86
C VAL F 127 22.30 12.50 12.77
N ALA F 128 21.63 11.36 12.94
CA ALA F 128 21.74 10.27 11.98
C ALA F 128 20.76 10.46 10.84
N LEU F 129 20.95 11.53 10.08
CA LEU F 129 20.07 11.84 8.95
C LEU F 129 20.90 11.96 7.67
N ASP F 130 20.36 11.48 6.56
CA ASP F 130 21.08 11.41 5.30
C ASP F 130 20.29 12.08 4.19
N TYR F 131 20.56 13.36 3.96
CA TYR F 131 19.84 14.14 2.96
C TYR F 131 20.82 14.71 1.93
N PRO F 132 20.33 15.03 0.71
CA PRO F 132 21.13 15.46 -0.44
C PRO F 132 22.25 16.46 -0.11
N ALA F 133 23.34 16.40 -0.88
CA ALA F 133 24.53 17.21 -0.62
C ALA F 133 24.23 18.71 -0.58
N GLY F 134 23.22 19.13 -1.31
CA GLY F 134 22.84 20.53 -1.35
C GLY F 134 22.11 21.00 -0.11
N THR F 135 21.99 20.14 0.89
CA THR F 135 21.33 20.49 2.14
C THR F 135 22.34 20.91 3.22
N SER F 136 23.61 20.90 2.85
CA SER F 136 24.67 21.27 3.79
C SER F 136 24.51 22.71 4.25
N GLY F 137 24.53 22.92 5.56
CA GLY F 137 24.33 24.23 6.13
C GLY F 137 22.90 24.46 6.59
N SER F 138 22.05 23.45 6.40
CA SER F 138 20.68 23.52 6.90
C SER F 138 20.70 23.57 8.42
N PRO F 139 19.86 24.43 9.01
CA PRO F 139 19.87 24.63 10.47
C PRO F 139 19.25 23.47 11.23
N ILE F 140 19.79 23.22 12.42
CA ILE F 140 19.21 22.26 13.35
C ILE F 140 18.63 23.04 14.54
N LEU F 141 17.38 22.75 14.88
CA LEU F 141 16.64 23.56 15.83
C LEU F 141 16.34 22.84 17.14
N ASP F 142 16.24 23.61 18.22
CA ASP F 142 15.60 23.09 19.42
C ASP F 142 14.12 23.49 19.35
N LYS F 143 13.37 23.17 20.39
CA LYS F 143 11.93 23.40 20.38
C LYS F 143 11.56 24.87 20.54
N SER F 144 12.55 25.72 20.75
CA SER F 144 12.30 27.16 20.85
C SER F 144 12.47 27.84 19.49
N GLY F 145 12.88 27.07 18.50
CA GLY F 145 13.14 27.62 17.18
C GLY F 145 14.55 28.17 17.05
N ARG F 146 15.36 27.98 18.09
CA ARG F 146 16.74 28.44 18.09
C ARG F 146 17.64 27.49 17.30
N VAL F 147 18.48 28.05 16.44
CA VAL F 147 19.45 27.26 15.69
C VAL F 147 20.58 26.83 16.61
N ILE F 148 20.69 25.53 16.86
CA ILE F 148 21.70 25.01 17.77
C ILE F 148 22.88 24.43 17.01
N GLY F 149 22.85 24.54 15.69
CA GLY F 149 23.92 24.05 14.86
C GLY F 149 23.55 23.92 13.40
N LEU F 150 24.55 23.62 12.57
CA LEU F 150 24.32 23.44 11.14
C LEU F 150 24.63 22.00 10.73
N TYR F 151 23.93 21.54 9.68
CA TYR F 151 24.04 20.17 9.20
C TYR F 151 24.95 20.08 7.99
N GLY F 152 25.80 19.06 7.94
CA GLY F 152 26.60 18.81 6.75
C GLY F 152 28.05 18.43 6.96
N ASN F 153 28.46 18.21 8.22
CA ASN F 153 29.82 17.78 8.50
C ASN F 153 29.82 16.65 9.53
N GLY F 154 30.24 15.46 9.11
CA GLY F 154 30.21 14.30 9.98
C GLY F 154 31.00 13.11 9.47
N VAL F 155 30.52 11.90 9.80
CA VAL F 155 31.22 10.68 9.44
C VAL F 155 30.33 9.70 8.67
N VAL F 156 30.90 8.56 8.31
CA VAL F 156 30.16 7.48 7.67
C VAL F 156 30.49 6.16 8.35
N ILE F 157 29.46 5.44 8.77
CA ILE F 157 29.64 4.12 9.37
C ILE F 157 29.46 3.06 8.28
N LYS F 158 29.88 1.84 8.55
CA LYS F 158 29.77 0.75 7.59
C LYS F 158 28.32 0.48 7.20
N GLY F 160 26.54 3.23 3.69
CA GLY F 160 26.09 4.55 3.29
C GLY F 160 25.44 5.31 4.42
N SER F 161 25.79 4.94 5.65
CA SER F 161 25.20 5.54 6.84
C SER F 161 25.94 6.81 7.25
N TYR F 162 25.42 7.96 6.81
CA TYR F 162 26.00 9.24 7.16
C TYR F 162 25.43 9.77 8.47
N VAL F 163 26.31 10.25 9.35
CA VAL F 163 25.90 10.88 10.59
C VAL F 163 26.58 12.24 10.70
N SER F 164 25.77 13.30 10.76
CA SER F 164 26.29 14.66 10.78
C SER F 164 26.41 15.21 12.19
N ALA F 165 27.50 15.92 12.46
CA ALA F 165 27.65 16.62 13.72
C ALA F 165 26.72 17.83 13.76
N ILE F 166 26.34 18.24 14.96
CA ILE F 166 25.59 19.48 15.14
C ILE F 166 26.60 20.60 15.33
N THR F 167 27.03 21.20 14.22
CA THR F 167 28.14 22.14 14.24
C THR F 167 27.71 23.55 14.61
N GLN F 168 28.17 24.01 15.77
CA GLN F 168 27.88 25.35 16.23
C GLN F 168 29.19 26.11 16.49
N GLY F 169 29.19 27.40 16.18
CA GLY F 169 30.36 28.24 16.37
C GLY F 169 30.34 28.97 17.69
N ASP G 7 -15.99 4.57 31.85
CA ASP G 7 -15.82 3.55 32.86
C ASP G 7 -16.93 2.49 32.81
N MET G 8 -16.60 1.28 33.24
CA MET G 8 -17.55 0.17 33.20
C MET G 8 -17.62 -0.56 34.54
N TYR G 9 -18.76 -1.21 34.78
CA TYR G 9 -18.94 -2.01 35.99
C TYR G 9 -19.62 -3.34 35.65
N ILE G 10 -19.65 -4.25 36.61
CA ILE G 10 -20.29 -5.53 36.39
C ILE G 10 -21.42 -5.78 37.38
N GLU G 11 -22.42 -6.53 36.94
CA GLU G 11 -23.54 -6.93 37.78
C GLU G 11 -23.92 -8.37 37.46
N ARG G 12 -24.34 -9.12 38.49
CA ARG G 12 -24.59 -10.54 38.33
C ARG G 12 -25.69 -10.83 37.31
N ALA G 13 -25.49 -11.86 36.51
CA ALA G 13 -26.44 -12.24 35.48
C ALA G 13 -27.00 -13.64 35.73
N GLY G 14 -26.39 -14.38 36.66
CA GLY G 14 -26.90 -15.68 37.03
C GLY G 14 -25.84 -16.71 37.35
N ASP G 15 -26.29 -17.91 37.71
CA ASP G 15 -25.39 -19.04 37.93
C ASP G 15 -24.96 -19.65 36.61
N ILE G 16 -23.90 -20.45 36.65
CA ILE G 16 -23.39 -21.11 35.46
C ILE G 16 -23.66 -22.61 35.53
N THR G 17 -24.75 -23.05 34.92
CA THR G 17 -25.12 -24.45 34.93
C THR G 17 -25.60 -24.91 33.55
N TRP G 18 -25.45 -26.20 33.30
CA TRP G 18 -26.02 -26.85 32.12
C TRP G 18 -27.52 -27.06 32.35
N GLU G 19 -28.35 -26.54 31.46
CA GLU G 19 -29.79 -26.74 31.57
C GLU G 19 -30.22 -28.03 30.88
N LYS G 20 -30.85 -28.93 31.63
CA LYS G 20 -31.37 -30.16 31.07
C LYS G 20 -32.50 -29.85 30.09
N ASP G 21 -32.44 -30.47 28.92
CA ASP G 21 -33.44 -30.30 27.88
C ASP G 21 -33.62 -28.82 27.50
N ALA G 22 -32.53 -28.20 27.08
CA ALA G 22 -32.58 -26.83 26.61
C ALA G 22 -32.88 -26.80 25.12
N GLU G 23 -33.17 -25.61 24.59
CA GLU G 23 -33.43 -25.45 23.16
C GLU G 23 -32.18 -25.77 22.35
N VAL G 24 -32.33 -26.72 21.42
CA VAL G 24 -31.24 -27.08 20.52
C VAL G 24 -31.46 -26.44 19.16
N THR G 25 -30.45 -25.72 18.68
CA THR G 25 -30.56 -25.02 17.41
C THR G 25 -29.19 -24.75 16.81
N GLY G 26 -29.18 -24.31 15.55
CA GLY G 26 -27.94 -23.96 14.87
C GLY G 26 -27.28 -25.15 14.21
N ASN G 27 -26.51 -24.87 13.16
CA ASN G 27 -25.79 -25.91 12.45
C ASN G 27 -24.34 -25.99 12.91
N SER G 28 -23.56 -26.84 12.25
CA SER G 28 -22.17 -27.06 12.61
C SER G 28 -21.26 -26.82 11.40
N PRO G 29 -21.03 -25.55 11.06
CA PRO G 29 -20.26 -25.19 9.85
C PRO G 29 -18.77 -25.45 9.98
N ARG G 30 -18.16 -25.97 8.91
CA ARG G 30 -16.72 -26.09 8.83
C ARG G 30 -16.17 -24.98 7.95
N LEU G 31 -15.55 -23.98 8.57
CA LEU G 31 -15.13 -22.78 7.85
C LEU G 31 -13.61 -22.57 7.89
N ASP G 32 -13.06 -22.13 6.76
CA ASP G 32 -11.65 -21.78 6.68
C ASP G 32 -11.45 -20.33 7.08
N VAL G 33 -10.76 -20.10 8.19
CA VAL G 33 -10.56 -18.74 8.69
C VAL G 33 -9.10 -18.42 8.96
N ALA G 34 -8.78 -17.13 9.00
CA ALA G 34 -7.45 -16.66 9.35
C ALA G 34 -7.54 -15.67 10.51
N LEU G 35 -6.68 -15.84 11.50
CA LEU G 35 -6.66 -14.97 12.67
C LEU G 35 -5.46 -14.02 12.59
N ASP G 36 -5.73 -12.73 12.40
CA ASP G 36 -4.64 -11.77 12.25
C ASP G 36 -4.11 -11.30 13.60
N GLU G 37 -3.19 -10.34 13.57
CA GLU G 37 -2.50 -9.88 14.76
C GLU G 37 -3.43 -9.13 15.72
N SER G 38 -4.48 -8.53 15.18
CA SER G 38 -5.41 -7.75 15.98
C SER G 38 -6.49 -8.59 16.63
N GLY G 39 -6.40 -9.91 16.45
CA GLY G 39 -7.36 -10.83 17.03
C GLY G 39 -8.64 -10.93 16.23
N ASP G 40 -8.57 -10.55 14.95
CA ASP G 40 -9.74 -10.59 14.09
C ASP G 40 -9.75 -11.83 13.20
N PHE G 41 -10.87 -12.54 13.20
CA PHE G 41 -11.07 -13.65 12.28
C PHE G 41 -11.56 -13.15 10.93
N SER G 42 -11.22 -13.87 9.87
CA SER G 42 -11.70 -13.55 8.53
C SER G 42 -11.86 -14.81 7.71
N LEU G 43 -12.86 -14.83 6.84
CA LEU G 43 -13.07 -15.97 5.95
C LEU G 43 -12.03 -15.98 4.85
N VAL G 44 -11.39 -17.13 4.66
CA VAL G 44 -10.29 -17.25 3.71
C VAL G 44 -10.80 -17.41 2.27
N GLU G 45 -10.31 -16.58 1.38
CA GLU G 45 -10.67 -16.66 -0.04
C GLU G 45 -9.89 -17.78 -0.72
N GLU H 13 -20.60 -9.69 54.90
CA GLU H 13 -21.18 -10.83 55.61
C GLU H 13 -21.02 -12.12 54.83
N VAL H 14 -19.77 -12.56 54.68
CA VAL H 14 -19.48 -13.82 54.01
C VAL H 14 -18.45 -14.62 54.80
N LYS H 15 -18.43 -15.93 54.58
CA LYS H 15 -17.44 -16.79 55.21
C LYS H 15 -16.12 -16.67 54.48
N LYS H 16 -15.02 -17.02 55.15
CA LYS H 16 -13.71 -16.90 54.54
C LYS H 16 -13.56 -17.89 53.39
N GLY H 17 -13.25 -17.37 52.21
CA GLY H 17 -13.12 -18.18 51.01
C GLY H 17 -14.40 -18.24 50.20
N GLU H 18 -15.45 -17.57 50.68
CA GLU H 18 -16.73 -17.59 49.99
C GLU H 18 -16.79 -16.53 48.90
N THR H 19 -16.05 -16.76 47.82
CA THR H 19 -16.21 -15.97 46.62
C THR H 19 -17.47 -16.43 45.91
N THR H 20 -18.11 -15.54 45.16
CA THR H 20 -19.34 -15.91 44.49
C THR H 20 -19.14 -15.99 42.97
N ASP H 21 -19.12 -17.22 42.46
CA ASP H 21 -18.95 -17.45 41.04
C ASP H 21 -20.26 -17.25 40.28
N GLY H 22 -20.16 -17.05 38.97
CA GLY H 22 -21.34 -16.88 38.15
C GLY H 22 -21.06 -16.06 36.91
N VAL H 23 -22.12 -15.76 36.16
CA VAL H 23 -22.00 -14.98 34.94
C VAL H 23 -22.42 -13.53 35.22
N TYR H 24 -21.67 -12.58 34.67
CA TYR H 24 -21.89 -11.17 34.96
C TYR H 24 -22.00 -10.32 33.70
N ARG H 25 -22.86 -9.31 33.75
CA ARG H 25 -22.98 -8.34 32.66
C ARG H 25 -21.95 -7.23 32.81
N VAL H 26 -21.34 -6.84 31.70
CA VAL H 26 -20.43 -5.70 31.71
C VAL H 26 -21.16 -4.46 31.21
N MET H 27 -21.37 -3.51 32.11
CA MET H 27 -22.21 -2.36 31.82
C MET H 27 -21.42 -1.06 31.78
N THR H 28 -21.93 -0.07 31.05
CA THR H 28 -21.35 1.27 31.08
C THR H 28 -22.22 2.20 31.90
N LEU H 32 -22.56 8.90 28.11
CA LEU H 32 -22.70 7.96 29.21
C LEU H 32 -23.09 6.58 28.68
N GLY H 33 -24.40 6.36 28.51
CA GLY H 33 -24.89 5.12 27.94
C GLY H 33 -25.73 4.28 28.87
N SER H 34 -25.12 3.78 29.96
CA SER H 34 -25.75 2.81 30.85
C SER H 34 -26.21 1.58 30.09
N THR H 35 -25.39 1.14 29.15
CA THR H 35 -25.71 -0.01 28.31
C THR H 35 -24.86 -1.21 28.68
N GLN H 36 -25.12 -2.33 28.02
CA GLN H 36 -24.31 -3.53 28.20
C GLN H 36 -23.37 -3.72 27.01
N VAL H 37 -22.07 -3.70 27.26
CA VAL H 37 -21.08 -3.84 26.21
C VAL H 37 -20.58 -5.27 26.08
N GLY H 38 -20.84 -6.08 27.10
CA GLY H 38 -20.40 -7.46 27.09
C GLY H 38 -20.78 -8.27 28.31
N VAL H 39 -20.31 -9.51 28.35
CA VAL H 39 -20.61 -10.43 29.43
C VAL H 39 -19.29 -11.03 29.95
N GLY H 40 -19.29 -11.51 31.19
CA GLY H 40 -18.08 -12.09 31.75
C GLY H 40 -18.33 -13.17 32.77
N VAL H 41 -17.30 -13.97 33.04
CA VAL H 41 -17.38 -15.05 33.99
C VAL H 41 -16.54 -14.77 35.24
N MET H 42 -17.18 -14.79 36.40
CA MET H 42 -16.46 -14.71 37.66
C MET H 42 -16.24 -16.12 38.18
N GLN H 43 -14.97 -16.50 38.37
CA GLN H 43 -14.66 -17.86 38.78
C GLN H 43 -13.33 -17.93 39.53
N GLU H 44 -13.38 -18.46 40.74
CA GLU H 44 -12.20 -18.59 41.60
C GLU H 44 -11.53 -17.25 41.85
N GLY H 45 -12.35 -16.22 42.02
CA GLY H 45 -11.86 -14.89 42.34
C GLY H 45 -11.33 -14.12 41.15
N VAL H 46 -11.54 -14.65 39.95
CA VAL H 46 -11.05 -14.03 38.73
C VAL H 46 -12.20 -13.76 37.76
N PHE H 47 -12.25 -12.56 37.20
CA PHE H 47 -13.27 -12.20 36.23
C PHE H 47 -12.73 -12.39 34.81
N HIS H 48 -13.39 -13.23 34.04
CA HIS H 48 -12.97 -13.53 32.68
C HIS H 48 -13.93 -12.94 31.65
N THR H 49 -13.39 -12.19 30.70
CA THR H 49 -14.19 -11.70 29.58
C THR H 49 -13.29 -11.57 28.34
N MET H 50 -13.86 -11.06 27.26
CA MET H 50 -13.09 -10.88 26.03
C MET H 50 -12.47 -9.49 25.99
N TRP H 51 -11.27 -9.39 25.42
CA TRP H 51 -10.51 -8.14 25.41
C TRP H 51 -11.26 -6.99 24.75
N HIS H 52 -11.94 -7.27 23.64
CA HIS H 52 -12.60 -6.21 22.88
C HIS H 52 -13.81 -5.64 23.61
N VAL H 53 -14.21 -6.29 24.70
CA VAL H 53 -15.32 -5.80 25.51
C VAL H 53 -14.86 -4.64 26.40
N THR H 54 -13.71 -4.82 27.03
CA THR H 54 -13.22 -3.86 28.01
C THR H 54 -12.05 -3.01 27.53
N LYS H 55 -11.33 -3.52 26.54
CA LYS H 55 -10.09 -2.90 26.05
C LYS H 55 -9.06 -2.80 27.17
N GLY H 56 -9.06 -3.77 28.08
CA GLY H 56 -8.09 -3.81 29.16
C GLY H 56 -8.29 -2.71 30.18
N ALA H 57 -9.48 -2.13 30.23
CA ALA H 57 -9.78 -1.08 31.20
C ALA H 57 -10.24 -1.66 32.52
N ALA H 58 -10.09 -0.89 33.60
CA ALA H 58 -10.50 -1.34 34.92
C ALA H 58 -12.02 -1.44 35.03
N LEU H 59 -12.49 -2.24 35.97
CA LEU H 59 -13.91 -2.44 36.18
C LEU H 59 -14.27 -2.16 37.64
N ARG H 60 -15.48 -1.63 37.84
CA ARG H 60 -15.99 -1.39 39.19
C ARG H 60 -16.89 -2.54 39.62
N SER H 61 -16.84 -2.89 40.90
CA SER H 61 -17.64 -3.98 41.43
C SER H 61 -18.27 -3.61 42.76
N GLY H 64 -15.40 -0.92 45.14
CA GLY H 64 -14.72 -2.11 44.66
C GLY H 64 -14.25 -1.96 43.23
N ARG H 65 -12.98 -2.28 42.98
CA ARG H 65 -12.41 -2.13 41.65
C ARG H 65 -11.72 -3.41 41.19
N LEU H 66 -12.03 -3.83 39.97
CA LEU H 66 -11.34 -4.95 39.35
C LEU H 66 -10.26 -4.45 38.40
N ASP H 67 -9.03 -4.88 38.64
CA ASP H 67 -7.93 -4.44 37.78
C ASP H 67 -7.47 -5.55 36.86
N PRO H 68 -7.07 -5.20 35.63
CA PRO H 68 -6.58 -6.19 34.68
C PRO H 68 -5.35 -6.92 35.20
N TYR H 69 -5.31 -8.24 34.99
CA TYR H 69 -4.19 -9.06 35.42
C TYR H 69 -3.43 -9.60 34.23
N TRP H 70 -4.17 -10.20 33.30
CA TRP H 70 -3.59 -10.74 32.08
C TRP H 70 -4.48 -10.41 30.90
N GLY H 71 -3.87 -10.18 29.75
CA GLY H 71 -4.60 -9.83 28.56
C GLY H 71 -3.86 -10.22 27.29
N ASP H 72 -4.60 -10.48 26.23
CA ASP H 72 -4.01 -10.83 24.95
C ASP H 72 -4.95 -10.45 23.81
N VAL H 73 -4.56 -9.47 23.03
CA VAL H 73 -5.40 -8.94 21.96
C VAL H 73 -5.69 -9.99 20.88
N LYS H 74 -4.69 -10.80 20.53
CA LYS H 74 -4.87 -11.79 19.48
C LYS H 74 -5.85 -12.88 19.92
N GLN H 75 -5.74 -13.32 21.18
CA GLN H 75 -6.70 -14.26 21.73
C GLN H 75 -8.02 -13.57 22.04
N ASP H 76 -7.97 -12.24 22.09
CA ASP H 76 -9.13 -11.42 22.46
C ASP H 76 -9.66 -11.83 23.82
N LEU H 77 -8.75 -11.98 24.79
CA LEU H 77 -9.13 -12.38 26.13
C LEU H 77 -8.45 -11.50 27.17
N VAL H 78 -9.09 -11.36 28.33
CA VAL H 78 -8.55 -10.59 29.42
C VAL H 78 -9.10 -11.12 30.75
N SER H 79 -8.25 -11.15 31.77
CA SER H 79 -8.68 -11.59 33.10
C SER H 79 -8.42 -10.52 34.14
N TYR H 80 -9.22 -10.52 35.20
CA TYR H 80 -9.13 -9.52 36.24
C TYR H 80 -8.91 -10.17 37.60
N CYS H 81 -8.11 -9.51 38.45
CA CYS H 81 -7.83 -9.93 39.83
C CYS H 81 -7.02 -11.22 39.94
N GLY H 82 -6.65 -11.80 38.80
CA GLY H 82 -5.86 -13.02 38.83
C GLY H 82 -5.67 -13.62 37.45
N PRO H 83 -4.90 -14.71 37.37
CA PRO H 83 -4.65 -15.39 36.11
C PRO H 83 -5.88 -16.11 35.58
N TRP H 84 -5.89 -16.41 34.29
CA TRP H 84 -6.99 -17.13 33.66
C TRP H 84 -7.18 -18.49 34.32
N LYS H 85 -8.41 -18.78 34.75
CA LYS H 85 -8.70 -19.99 35.50
C LYS H 85 -9.37 -21.08 34.66
N LEU H 86 -9.91 -20.69 33.50
CA LEU H 86 -10.69 -21.62 32.70
C LEU H 86 -9.79 -22.52 31.83
N ASP H 87 -9.89 -23.83 32.04
CA ASP H 87 -9.01 -24.77 31.37
C ASP H 87 -9.77 -25.89 30.65
N ALA H 88 -11.08 -25.92 30.79
CA ALA H 88 -11.89 -26.91 30.11
C ALA H 88 -11.94 -26.61 28.61
N ALA H 89 -11.98 -27.67 27.80
CA ALA H 89 -12.02 -27.52 26.35
C ALA H 89 -13.07 -28.43 25.74
N TRP H 90 -13.58 -28.03 24.58
CA TRP H 90 -14.52 -28.86 23.82
C TRP H 90 -13.88 -30.19 23.48
N ASP H 91 -14.66 -31.26 23.55
CA ASP H 91 -14.14 -32.58 23.22
C ASP H 91 -14.14 -32.84 21.72
N GLY H 92 -14.66 -31.87 20.95
CA GLY H 92 -14.74 -31.99 19.50
C GLY H 92 -15.79 -32.98 19.05
N LEU H 93 -16.70 -33.32 19.96
CA LEU H 93 -17.63 -34.42 19.72
C LEU H 93 -19.03 -34.13 20.23
N SER H 94 -19.12 -33.64 21.46
CA SER H 94 -20.41 -33.46 22.12
C SER H 94 -21.04 -32.10 21.82
N GLU H 95 -22.35 -32.01 22.07
CA GLU H 95 -23.04 -30.73 21.99
C GLU H 95 -22.69 -29.88 23.21
N VAL H 96 -22.73 -28.57 23.03
CA VAL H 96 -22.43 -27.64 24.11
C VAL H 96 -23.61 -26.71 24.36
N GLN H 97 -23.46 -25.82 25.33
CA GLN H 97 -24.51 -24.85 25.62
C GLN H 97 -23.95 -23.45 25.80
N LEU H 98 -24.44 -22.53 24.99
CA LEU H 98 -24.12 -21.12 25.16
C LEU H 98 -25.01 -20.52 26.23
N LEU H 99 -24.41 -20.13 27.36
CA LEU H 99 -25.14 -19.42 28.39
C LEU H 99 -25.29 -17.96 27.94
N ALA H 100 -26.18 -17.76 26.98
CA ALA H 100 -26.34 -16.45 26.36
C ALA H 100 -26.92 -15.43 27.33
N VAL H 101 -26.26 -14.28 27.43
CA VAL H 101 -26.73 -13.18 28.27
C VAL H 101 -26.93 -11.94 27.41
N PRO H 102 -28.01 -11.89 26.63
CA PRO H 102 -28.29 -10.74 25.77
C PRO H 102 -28.64 -9.50 26.57
N PRO H 103 -28.29 -8.31 26.05
CA PRO H 103 -28.69 -7.05 26.70
C PRO H 103 -30.20 -6.93 26.86
N GLY H 104 -30.65 -6.71 28.08
CA GLY H 104 -32.07 -6.53 28.35
C GLY H 104 -32.85 -7.83 28.38
N GLU H 105 -32.16 -8.96 28.42
CA GLU H 105 -32.81 -10.26 28.49
C GLU H 105 -32.16 -11.14 29.54
N ARG H 106 -32.96 -12.03 30.13
CA ARG H 106 -32.46 -12.96 31.14
C ARG H 106 -31.55 -14.00 30.50
N ALA H 107 -30.52 -14.41 31.25
CA ALA H 107 -29.59 -15.42 30.77
C ALA H 107 -30.31 -16.73 30.42
N LYS H 108 -29.99 -17.29 29.27
CA LYS H 108 -30.64 -18.51 28.81
C LYS H 108 -29.64 -19.46 28.16
N ASN H 109 -29.80 -20.75 28.42
CA ASN H 109 -28.93 -21.78 27.87
C ASN H 109 -29.41 -22.21 26.49
N ILE H 110 -28.51 -22.16 25.51
CA ILE H 110 -28.83 -22.59 24.14
C ILE H 110 -27.89 -23.71 23.73
N GLN H 111 -28.44 -24.90 23.48
CA GLN H 111 -27.63 -26.05 23.13
C GLN H 111 -27.39 -26.12 21.62
N THR H 112 -26.18 -26.51 21.24
CA THR H 112 -25.83 -26.61 19.83
C THR H 112 -24.63 -27.51 19.65
N LEU H 113 -24.48 -28.07 18.45
CA LEU H 113 -23.28 -28.82 18.13
C LEU H 113 -22.30 -27.92 17.39
N PRO H 114 -21.16 -27.62 18.01
CA PRO H 114 -20.17 -26.69 17.48
C PRO H 114 -19.65 -27.08 16.10
N GLY H 115 -19.45 -26.06 15.26
CA GLY H 115 -18.78 -26.25 13.99
C GLY H 115 -17.28 -26.19 14.21
N ILE H 116 -16.53 -25.88 13.15
CA ILE H 116 -15.08 -25.83 13.26
C ILE H 116 -14.47 -24.66 12.48
N PHE H 117 -13.69 -23.84 13.18
CA PHE H 117 -12.86 -22.84 12.53
C PHE H 117 -11.53 -23.46 12.11
N LYS H 118 -11.40 -23.75 10.82
CA LYS H 118 -10.17 -24.36 10.31
C LYS H 118 -9.15 -23.27 10.02
N THR H 119 -8.06 -23.26 10.79
CA THR H 119 -7.01 -22.26 10.64
C THR H 119 -5.72 -22.90 10.13
N LYS H 120 -4.68 -22.09 9.97
CA LYS H 120 -3.39 -22.60 9.55
C LYS H 120 -2.67 -23.29 10.70
N ASP H 121 -3.03 -22.92 11.93
CA ASP H 121 -2.35 -23.45 13.11
C ASP H 121 -3.24 -24.41 13.91
N GLY H 122 -4.25 -24.96 13.26
CA GLY H 122 -5.13 -25.92 13.91
C GLY H 122 -6.61 -25.53 13.84
N ASP H 123 -7.45 -26.42 14.32
CA ASP H 123 -8.89 -26.21 14.30
C ASP H 123 -9.40 -25.61 15.61
N ILE H 124 -10.36 -24.70 15.49
CA ILE H 124 -11.00 -24.10 16.66
C ILE H 124 -12.50 -24.39 16.64
N GLY H 125 -13.04 -24.82 17.77
CA GLY H 125 -14.46 -25.02 17.90
C GLY H 125 -15.20 -23.72 17.69
N ALA H 126 -16.35 -23.78 17.02
CA ALA H 126 -17.11 -22.58 16.71
C ALA H 126 -18.61 -22.86 16.75
N VAL H 127 -19.38 -21.90 17.24
CA VAL H 127 -20.82 -22.07 17.38
C VAL H 127 -21.61 -21.16 16.43
N ALA H 128 -22.55 -21.75 15.70
CA ALA H 128 -23.38 -21.00 14.78
C ALA H 128 -24.61 -20.42 15.50
N LEU H 129 -24.34 -19.60 16.51
CA LEU H 129 -25.39 -18.91 17.25
C LEU H 129 -25.24 -17.41 17.07
N ASP H 130 -26.36 -16.73 16.84
CA ASP H 130 -26.34 -15.32 16.49
C ASP H 130 -26.99 -14.45 17.57
N TYR H 131 -26.17 -13.67 18.27
CA TYR H 131 -26.63 -12.82 19.36
C TYR H 131 -26.05 -11.41 19.24
N PRO H 132 -26.78 -10.40 19.74
CA PRO H 132 -26.41 -8.99 19.53
C PRO H 132 -25.06 -8.59 20.10
N ALA H 133 -24.59 -7.41 19.72
CA ALA H 133 -23.42 -6.82 20.34
C ALA H 133 -23.72 -6.53 21.81
N GLY H 134 -22.90 -7.06 22.70
CA GLY H 134 -23.14 -6.94 24.13
C GLY H 134 -23.31 -8.31 24.77
N THR H 135 -23.45 -9.34 23.94
CA THR H 135 -23.56 -10.71 24.43
C THR H 135 -22.17 -11.34 24.51
N SER H 136 -21.19 -10.65 23.94
CA SER H 136 -19.81 -11.09 23.95
C SER H 136 -19.30 -11.41 25.35
N GLY H 137 -18.61 -12.53 25.48
CA GLY H 137 -18.09 -12.95 26.77
C GLY H 137 -19.00 -13.95 27.47
N SER H 138 -20.14 -14.25 26.85
CA SER H 138 -21.04 -15.27 27.37
C SER H 138 -20.35 -16.62 27.31
N PRO H 139 -20.34 -17.35 28.42
CA PRO H 139 -19.62 -18.62 28.53
C PRO H 139 -20.25 -19.75 27.74
N ILE H 140 -19.40 -20.59 27.16
CA ILE H 140 -19.84 -21.81 26.50
C ILE H 140 -19.49 -22.98 27.41
N LEU H 141 -20.46 -23.86 27.65
CA LEU H 141 -20.29 -24.90 28.67
C LEU H 141 -20.33 -26.30 28.06
N ASP H 142 -19.63 -27.22 28.70
CA ASP H 142 -19.77 -28.64 28.36
C ASP H 142 -20.86 -29.23 29.24
N LYS H 143 -21.14 -30.51 29.08
CA LYS H 143 -22.22 -31.15 29.81
C LYS H 143 -21.94 -31.26 31.31
N SER H 144 -20.71 -30.92 31.72
CA SER H 144 -20.35 -30.93 33.13
C SER H 144 -20.62 -29.57 33.78
N GLY H 145 -20.90 -28.57 32.96
CA GLY H 145 -21.13 -27.22 33.45
C GLY H 145 -19.85 -26.39 33.46
N ARG H 146 -18.76 -27.00 33.02
CA ARG H 146 -17.48 -26.32 32.94
C ARG H 146 -17.43 -25.37 31.74
N VAL H 147 -16.89 -24.18 31.95
CA VAL H 147 -16.74 -23.22 30.87
C VAL H 147 -15.60 -23.64 29.95
N ILE H 148 -15.92 -23.90 28.69
CA ILE H 148 -14.92 -24.34 27.72
C ILE H 148 -14.54 -23.22 26.76
N GLY H 149 -15.02 -22.01 27.03
CA GLY H 149 -14.67 -20.88 26.19
C GLY H 149 -15.70 -19.77 26.27
N LEU H 150 -15.36 -18.63 25.67
CA LEU H 150 -16.23 -17.47 25.65
C LEU H 150 -16.75 -17.19 24.25
N TYR H 151 -17.93 -16.58 24.18
CA TYR H 151 -18.60 -16.30 22.91
C TYR H 151 -18.37 -14.86 22.49
N GLY H 152 -18.27 -14.63 21.18
CA GLY H 152 -18.29 -13.26 20.67
C GLY H 152 -17.19 -12.84 19.73
N ASN H 153 -16.26 -13.74 19.42
CA ASN H 153 -15.23 -13.43 18.43
C ASN H 153 -15.27 -14.44 17.29
N GLY H 154 -15.75 -14.01 16.13
CA GLY H 154 -15.90 -14.90 15.00
C GLY H 154 -16.01 -14.18 13.67
N VAL H 155 -16.90 -14.68 12.82
CA VAL H 155 -17.06 -14.14 11.47
C VAL H 155 -18.53 -13.99 11.09
N VAL H 156 -18.80 -13.11 10.13
CA VAL H 156 -20.12 -13.00 9.53
C VAL H 156 -20.09 -13.64 8.15
N ILE H 157 -20.91 -14.67 7.94
CA ILE H 157 -20.90 -15.37 6.67
C ILE H 157 -21.83 -14.74 5.65
N LYS H 158 -21.98 -15.38 4.50
CA LYS H 158 -22.62 -14.79 3.33
C LYS H 158 -24.07 -14.36 3.56
N ASN H 159 -24.86 -15.19 4.25
CA ASN H 159 -26.27 -14.88 4.45
C ASN H 159 -26.51 -13.85 5.56
N GLY H 160 -25.43 -13.36 6.14
CA GLY H 160 -25.52 -12.33 7.16
C GLY H 160 -25.54 -12.86 8.58
N SER H 161 -25.53 -14.18 8.74
CA SER H 161 -25.57 -14.77 10.07
C SER H 161 -24.18 -14.79 10.71
N TYR H 162 -24.14 -15.12 12.00
CA TYR H 162 -22.90 -15.02 12.77
C TYR H 162 -22.41 -16.39 13.25
N VAL H 163 -21.09 -16.57 13.19
CA VAL H 163 -20.46 -17.79 13.69
C VAL H 163 -19.30 -17.42 14.61
N SER H 164 -19.48 -17.65 15.91
CA SER H 164 -18.44 -17.31 16.89
C SER H 164 -17.52 -18.48 17.17
N ALA H 165 -16.23 -18.17 17.33
CA ALA H 165 -15.29 -19.18 17.79
C ALA H 165 -15.53 -19.47 19.26
N ILE H 166 -15.15 -20.66 19.70
CA ILE H 166 -15.14 -20.98 21.12
C ILE H 166 -13.77 -20.58 21.66
N THR H 167 -13.68 -19.37 22.18
CA THR H 167 -12.39 -18.80 22.58
C THR H 167 -12.06 -19.14 24.04
N GLN H 168 -11.04 -19.97 24.21
CA GLN H 168 -10.59 -20.37 25.54
C GLN H 168 -9.13 -19.96 25.76
N GLY H 169 -8.80 -19.62 27.00
CA GLY H 169 -7.42 -19.30 27.35
C GLY H 169 -6.72 -20.46 28.02
N LYS H 170 -5.54 -20.19 28.57
CA LYS H 170 -4.77 -21.21 29.26
C LYS H 170 -4.66 -20.89 30.76
N ARG H 171 -4.71 -21.94 31.58
CA ARG H 171 -4.62 -21.78 33.02
C ARG H 171 -3.21 -22.01 33.52
#